data_7JLX
#
_entry.id   7JLX
#
_cell.length_a   1.00
_cell.length_b   1.00
_cell.length_c   1.00
_cell.angle_alpha   90.00
_cell.angle_beta   90.00
_cell.angle_gamma   90.00
#
_symmetry.space_group_name_H-M   'P 1'
#
_entity_poly.entity_id   1
_entity_poly.type   'polypeptide(L)'
_entity_poly.pdbx_seq_one_letter_code
;MLTSSSHHGRSYDVFLSFRGEDTRKTFVGHLFNALIEKGIHTFMDDKELKRGKSISSELMKAIGESRFAVVVFSKNYASS
TWCLEELVKILEIHEKFELIVVPVFYDVDPSTVRKQNGEYAVCFTKFEANLVDDRDKVLRWREALTKVANISGHDLRNTY
NGDESKCIQQILKDIFDKFCFSISITNRDLVGIESQIKKLSSLLRMDLKGVRLVGIWGMGGVGKTTAARALFNRYYQNFE
SACFLEDVKEYLQHHTLLYLQKTLLSKLLKVEFVDCTDTEEMCVILKRRLCSKKVLVVLDDVNHNDQLDKLVGAEDWFGS
GSRIVITTRDMKLLKNHDVHETYEIKVLEKDEAIELFNLHAFKRSSPEKEFKELLNLVVDYTGGLPLALKVLGSLLYKED
LDVWISTIDRLKDNPEGEIMATLKISFDGLRDYEKSIFLDIACFFRGYNQRDMTALFHASGFHPVLGVKTLVEKSLIFIL
EDKIQMHDLMQEMGRQIAVQESPMRRIYRPEDVKDACIGDMRKEAIEGLLLTEPEQFEEGELEYMYSAEALKKTRRLRIL
VKEYYNRGFDEPVAYLPNSLLWLEWRNYSSNSFPSNFEPSKLVYLTMKGSSIIELWNGAKRLAFLTTLDLSYCHKLIQTP
DFRMITNLERLILSSCDALVEVHPSVGFLKNLILLNMDHCISLERLPAIIQSECLEVLDLNYCFNLKMFPEVERNMTHLK
KLDLTSTGIRELPASIEHLSSLENLQMHSCNQLVSLPSSIWRFRNLKISECEKLGSLPEIHGNSNCTRELILKLVSIKEL
PTSIGNLTSLNFLEICNCKTISSLSSSIWGLTSLTTLKLLDCRKLKNLPGIPNAINHLSGHGLQLLLTLEQPTIYERLDL
LRIIDMSWCSCISSLPHNIWMLKFLRILCISYCSRLEYLPENLGHLEHLEELLADGTGILRLPSSVARLNKLEVLSFRKK
FAIGPKVQYSSSMLNLPDDVFGSLGSLGSVVKLNLSGNGFCNLPETMNQLFCLEYLDITFCQRLEALPELPPSIKELYVD
EHLALRIMEDLVIKCKELNLIAVTKIEYQNFYRWLDSIWSDVSELLENSQKQQLDDMLQLIPFSYLSTAKREEVLKIVIH
GTRIPEWFRWQDRSATTMSVNLPEYWYTENFLGFAICCSCCFYHSARSYDVEFEGSMHHYNYDSSYWKEYEEPSYDFYER
DSIEITAKLTPRHKGMRTEELKKVCSFSMNVLRRATAVPNMCFAFFPFNSLCHISNLQANNPNDYGIFETCLSPGDIRHR
GKQWGFNLVYKDETGGSVTHEMLINRDYKDHDGDYKDHDIDYKDDDDK
;
_entity_poly.pdbx_strand_id   B,C,A,D
#
# COMPACT_ATOMS: atom_id res chain seq x y z
N SER A 11 8.33 -20.67 30.63
CA SER A 11 8.19 -21.45 29.41
C SER A 11 7.71 -20.58 28.26
N TYR A 12 6.47 -20.76 27.85
CA TYR A 12 5.91 -19.98 26.74
C TYR A 12 5.86 -18.50 27.11
N ASP A 13 6.26 -17.65 26.17
CA ASP A 13 6.27 -16.21 26.41
C ASP A 13 4.98 -15.55 25.94
N VAL A 14 4.67 -15.67 24.64
CA VAL A 14 3.47 -15.07 24.06
C VAL A 14 2.73 -16.15 23.30
N PHE A 15 1.46 -16.36 23.65
CA PHE A 15 0.62 -17.41 23.06
C PHE A 15 -0.35 -16.78 22.08
N LEU A 16 -0.03 -16.89 20.79
CA LEU A 16 -0.93 -16.39 19.76
C LEU A 16 -2.21 -17.21 19.74
N SER A 17 -3.34 -16.52 19.62
CA SER A 17 -4.65 -17.16 19.66
C SER A 17 -5.42 -16.82 18.39
N PHE A 18 -5.66 -17.83 17.56
CA PHE A 18 -6.51 -17.69 16.38
C PHE A 18 -7.07 -19.06 16.04
N ARG A 19 -8.32 -19.09 15.59
CA ARG A 19 -9.00 -20.35 15.31
C ARG A 19 -8.35 -21.02 14.11
N GLY A 20 -8.01 -22.30 14.25
CA GLY A 20 -7.35 -23.02 13.20
C GLY A 20 -8.28 -23.35 12.05
N GLU A 21 -8.89 -22.33 11.44
CA GLU A 21 -9.86 -22.52 10.37
C GLU A 21 -9.33 -22.09 9.01
N ASP A 22 -8.87 -20.84 8.89
CA ASP A 22 -8.37 -20.33 7.62
C ASP A 22 -6.89 -19.99 7.67
N THR A 23 -6.47 -19.16 8.63
CA THR A 23 -5.09 -18.71 8.68
C THR A 23 -4.13 -19.79 9.15
N ARG A 24 -4.62 -20.96 9.54
CA ARG A 24 -3.75 -22.01 10.07
C ARG A 24 -2.81 -22.58 9.01
N LYS A 25 -3.01 -22.24 7.73
CA LYS A 25 -2.19 -22.83 6.67
C LYS A 25 -1.02 -21.94 6.27
N THR A 26 -1.27 -20.65 6.01
CA THR A 26 -0.26 -19.78 5.44
C THR A 26 0.15 -18.65 6.38
N PHE A 27 -0.80 -17.84 6.86
CA PHE A 27 -0.44 -16.65 7.62
C PHE A 27 -0.02 -16.99 9.04
N VAL A 28 -0.92 -17.60 9.81
CA VAL A 28 -0.60 -17.94 11.19
C VAL A 28 0.53 -18.95 11.24
N GLY A 29 0.60 -19.85 10.25
CA GLY A 29 1.74 -20.75 10.18
C GLY A 29 3.04 -20.00 10.00
N HIS A 30 3.04 -18.97 9.14
CA HIS A 30 4.24 -18.17 8.96
C HIS A 30 4.61 -17.45 10.24
N LEU A 31 3.63 -16.91 10.97
CA LEU A 31 3.93 -16.23 12.22
C LEU A 31 4.52 -17.19 13.24
N PHE A 32 3.94 -18.38 13.37
CA PHE A 32 4.48 -19.36 14.32
C PHE A 32 5.89 -19.77 13.93
N ASN A 33 6.15 -20.00 12.64
CA ASN A 33 7.48 -20.41 12.22
C ASN A 33 8.50 -19.30 12.49
N ALA A 34 8.14 -18.06 12.19
CA ALA A 34 9.07 -16.95 12.39
C ALA A 34 9.36 -16.74 13.87
N LEU A 35 8.33 -16.76 14.71
CA LEU A 35 8.54 -16.57 16.15
C LEU A 35 9.37 -17.71 16.73
N ILE A 36 9.09 -18.95 16.32
CA ILE A 36 9.87 -20.09 16.84
C ILE A 36 11.32 -19.98 16.39
N GLU A 37 11.55 -19.62 15.14
CA GLU A 37 12.92 -19.52 14.64
C GLU A 37 13.67 -18.41 15.37
N LYS A 38 13.02 -17.28 15.62
CA LYS A 38 13.68 -16.11 16.20
C LYS A 38 14.11 -16.32 17.64
N GLY A 39 13.68 -17.40 18.29
CA GLY A 39 14.13 -17.74 19.61
C GLY A 39 13.16 -17.44 20.74
N ILE A 40 12.06 -16.76 20.46
CA ILE A 40 11.06 -16.44 21.48
C ILE A 40 10.15 -17.65 21.67
N HIS A 41 10.07 -18.16 22.89
CA HIS A 41 9.28 -19.34 23.17
C HIS A 41 7.79 -19.00 23.15
N THR A 42 7.01 -19.84 22.48
CA THR A 42 5.59 -19.56 22.31
C THR A 42 4.81 -20.87 22.27
N PHE A 43 3.62 -20.85 22.84
CA PHE A 43 2.70 -21.98 22.83
C PHE A 43 1.53 -21.63 21.92
N MET A 44 1.15 -22.56 21.06
CA MET A 44 0.21 -22.30 19.98
C MET A 44 -0.96 -23.28 20.08
N ASP A 45 -1.77 -23.31 19.02
CA ASP A 45 -2.93 -24.20 18.97
C ASP A 45 -2.45 -25.65 19.03
N ASP A 46 -2.67 -26.29 20.18
CA ASP A 46 -2.06 -27.59 20.42
C ASP A 46 -2.58 -28.65 19.45
N LYS A 47 -3.89 -28.69 19.22
CA LYS A 47 -4.47 -29.73 18.39
C LYS A 47 -5.45 -29.11 17.40
N GLU A 48 -5.32 -29.50 16.12
CA GLU A 48 -6.32 -29.09 15.14
C GLU A 48 -7.68 -29.72 15.43
N LEU A 49 -7.70 -30.83 16.17
CA LEU A 49 -8.93 -31.49 16.61
C LEU A 49 -9.19 -31.20 18.09
N LYS A 50 -8.96 -29.97 18.52
CA LYS A 50 -9.01 -29.61 19.93
C LYS A 50 -10.34 -30.02 20.55
N ARG A 51 -10.26 -30.70 21.69
CA ARG A 51 -11.43 -31.27 22.35
C ARG A 51 -12.00 -30.26 23.34
N GLY A 52 -13.30 -30.02 23.24
CA GLY A 52 -13.98 -29.12 24.15
C GLY A 52 -13.93 -27.68 23.69
N LYS A 53 -15.10 -27.03 23.61
CA LYS A 53 -15.14 -25.61 23.29
C LYS A 53 -14.63 -24.74 24.42
N SER A 54 -14.40 -25.31 25.59
CA SER A 54 -13.86 -24.58 26.73
C SER A 54 -12.33 -24.69 26.71
N ILE A 55 -11.69 -24.29 27.81
CA ILE A 55 -10.25 -24.31 27.94
C ILE A 55 -9.89 -25.24 29.09
N SER A 56 -8.99 -26.19 28.82
CA SER A 56 -8.54 -27.14 29.82
C SER A 56 -7.46 -26.50 30.67
N SER A 57 -6.76 -27.32 31.46
CA SER A 57 -5.69 -26.81 32.30
C SER A 57 -4.56 -26.21 31.47
N GLU A 58 -4.21 -26.86 30.35
CA GLU A 58 -3.11 -26.37 29.53
C GLU A 58 -3.38 -24.97 29.00
N LEU A 59 -4.58 -24.75 28.47
CA LEU A 59 -4.91 -23.44 27.92
C LEU A 59 -4.92 -22.37 28.99
N MET A 60 -5.53 -22.68 30.14
CA MET A 60 -5.59 -21.69 31.22
C MET A 60 -4.20 -21.34 31.74
N LYS A 61 -3.35 -22.35 31.92
CA LYS A 61 -1.99 -22.09 32.38
C LYS A 61 -1.19 -21.29 31.36
N ALA A 62 -1.35 -21.61 30.07
CA ALA A 62 -0.67 -20.83 29.05
C ALA A 62 -1.14 -19.38 29.05
N ILE A 63 -2.45 -19.17 29.19
CA ILE A 63 -2.98 -17.80 29.20
C ILE A 63 -2.46 -17.04 30.42
N GLY A 64 -2.43 -17.69 31.57
CA GLY A 64 -1.95 -17.03 32.78
C GLY A 64 -0.47 -16.71 32.73
N GLU A 65 0.33 -17.63 32.20
CA GLU A 65 1.78 -17.50 32.21
C GLU A 65 2.33 -16.91 30.91
N SER A 66 1.49 -16.28 30.10
CA SER A 66 1.96 -15.65 28.87
C SER A 66 2.31 -14.19 29.14
N ARG A 67 3.51 -13.78 28.72
CA ARG A 67 3.91 -12.39 28.86
C ARG A 67 3.03 -11.49 28.00
N PHE A 68 2.64 -11.96 26.81
CA PHE A 68 1.78 -11.21 25.92
C PHE A 68 0.94 -12.20 25.12
N ALA A 69 0.14 -11.67 24.21
CA ALA A 69 -0.70 -12.53 23.37
C ALA A 69 -0.92 -11.84 22.02
N VAL A 70 -1.22 -12.66 21.02
CA VAL A 70 -1.49 -12.19 19.66
C VAL A 70 -2.80 -12.80 19.20
N VAL A 71 -3.70 -11.95 18.70
CA VAL A 71 -5.00 -12.37 18.19
C VAL A 71 -5.16 -11.84 16.79
N VAL A 72 -5.45 -12.72 15.84
CA VAL A 72 -5.67 -12.36 14.45
C VAL A 72 -7.16 -12.50 14.16
N PHE A 73 -7.79 -11.39 13.75
CA PHE A 73 -9.23 -11.37 13.50
C PHE A 73 -9.50 -11.64 12.03
N SER A 74 -10.29 -12.67 11.76
CA SER A 74 -10.62 -13.07 10.39
C SER A 74 -12.10 -13.46 10.37
N LYS A 75 -12.53 -14.11 9.29
CA LYS A 75 -13.93 -14.47 9.14
C LYS A 75 -14.40 -15.42 10.24
N ASN A 76 -13.58 -16.41 10.55
CA ASN A 76 -13.96 -17.42 11.54
C ASN A 76 -13.45 -17.11 12.94
N TYR A 77 -12.72 -16.01 13.12
CA TYR A 77 -12.04 -15.74 14.39
C TYR A 77 -13.01 -15.63 15.56
N ALA A 78 -14.29 -15.41 15.30
CA ALA A 78 -15.33 -15.48 16.32
C ALA A 78 -16.45 -16.43 15.98
N SER A 79 -16.42 -17.07 14.80
CA SER A 79 -17.51 -17.92 14.37
C SER A 79 -17.68 -19.16 15.24
N SER A 80 -16.70 -19.47 16.08
CA SER A 80 -16.79 -20.61 16.99
C SER A 80 -17.00 -20.10 18.41
N THR A 81 -17.89 -20.76 19.15
CA THR A 81 -18.11 -20.40 20.55
C THR A 81 -16.82 -20.53 21.34
N TRP A 82 -15.99 -21.51 20.99
CA TRP A 82 -14.69 -21.63 21.63
C TRP A 82 -13.85 -20.38 21.41
N CYS A 83 -13.87 -19.84 20.19
CA CYS A 83 -13.11 -18.64 19.89
C CYS A 83 -13.58 -17.47 20.74
N LEU A 84 -14.89 -17.29 20.85
CA LEU A 84 -15.42 -16.19 21.65
C LEU A 84 -15.06 -16.36 23.11
N GLU A 85 -15.17 -17.59 23.64
CA GLU A 85 -14.82 -17.82 25.04
C GLU A 85 -13.35 -17.52 25.29
N GLU A 86 -12.48 -17.95 24.37
CA GLU A 86 -11.07 -17.67 24.51
C GLU A 86 -10.80 -16.17 24.48
N LEU A 87 -11.49 -15.45 23.59
CA LEU A 87 -11.32 -14.00 23.55
C LEU A 87 -11.76 -13.36 24.86
N VAL A 88 -12.87 -13.86 25.43
CA VAL A 88 -13.35 -13.32 26.69
C VAL A 88 -12.33 -13.54 27.80
N LYS A 89 -11.79 -14.75 27.86
CA LYS A 89 -10.79 -15.05 28.88
C LYS A 89 -9.54 -14.20 28.70
N ILE A 90 -9.11 -14.00 27.45
CA ILE A 90 -7.92 -13.20 27.19
C ILE A 90 -8.15 -11.74 27.61
N LEU A 91 -9.31 -11.19 27.25
CA LEU A 91 -9.59 -9.80 27.61
C LEU A 91 -9.68 -9.64 29.13
N GLU A 92 -10.30 -10.60 29.81
CA GLU A 92 -10.34 -10.54 31.27
C GLU A 92 -8.95 -10.64 31.87
N ILE A 93 -8.08 -11.42 31.24
CA ILE A 93 -6.69 -11.49 31.68
C ILE A 93 -6.03 -10.12 31.52
N HIS A 94 -6.25 -9.47 30.37
CA HIS A 94 -5.67 -8.15 30.16
C HIS A 94 -6.17 -7.16 31.19
N GLU A 95 -7.44 -7.28 31.57
CA GLU A 95 -8.00 -6.39 32.59
C GLU A 95 -7.36 -6.64 33.95
N LYS A 96 -7.30 -7.91 34.38
CA LYS A 96 -6.86 -8.22 35.73
C LYS A 96 -5.38 -8.55 35.82
N PHE A 97 -4.76 -9.02 34.74
CA PHE A 97 -3.34 -9.34 34.71
C PHE A 97 -2.64 -8.42 33.71
N GLU A 98 -1.34 -8.66 33.52
CA GLU A 98 -0.48 -7.79 32.72
C GLU A 98 -0.24 -8.34 31.33
N LEU A 99 -1.23 -8.99 30.72
CA LEU A 99 -1.06 -9.51 29.38
C LEU A 99 -1.16 -8.40 28.36
N ILE A 100 -0.19 -8.33 27.45
CA ILE A 100 -0.20 -7.35 26.36
C ILE A 100 -1.01 -7.92 25.21
N VAL A 101 -2.03 -7.18 24.79
CA VAL A 101 -2.93 -7.60 23.72
C VAL A 101 -2.65 -6.73 22.51
N VAL A 102 -2.28 -7.36 21.39
CA VAL A 102 -2.02 -6.64 20.16
C VAL A 102 -2.99 -7.13 19.09
N PRO A 103 -4.04 -6.38 18.78
CA PRO A 103 -4.96 -6.83 17.72
C PRO A 103 -4.25 -6.88 16.38
N VAL A 104 -4.59 -7.91 15.61
CA VAL A 104 -4.07 -8.09 14.25
C VAL A 104 -5.25 -8.24 13.32
N PHE A 105 -5.36 -7.34 12.35
CA PHE A 105 -6.49 -7.31 11.42
C PHE A 105 -6.03 -7.85 10.08
N TYR A 106 -6.29 -9.14 9.84
CA TYR A 106 -5.94 -9.81 8.59
C TYR A 106 -7.21 -10.35 7.94
N ASP A 107 -7.41 -9.99 6.67
CA ASP A 107 -8.58 -10.43 5.92
C ASP A 107 -9.88 -10.10 6.64
N VAL A 108 -9.96 -8.86 7.15
CA VAL A 108 -11.16 -8.39 7.83
C VAL A 108 -11.11 -6.87 7.88
N ASP A 109 -12.26 -6.24 7.74
CA ASP A 109 -12.35 -4.79 7.82
C ASP A 109 -12.42 -4.36 9.27
N PRO A 110 -11.49 -3.53 9.76
CA PRO A 110 -11.56 -3.12 11.17
C PRO A 110 -12.81 -2.34 11.52
N SER A 111 -13.34 -1.54 10.59
CA SER A 111 -14.51 -0.73 10.87
C SER A 111 -15.72 -1.61 11.18
N THR A 112 -15.96 -2.62 10.34
CA THR A 112 -17.10 -3.51 10.57
C THR A 112 -16.95 -4.28 11.88
N VAL A 113 -15.73 -4.74 12.18
CA VAL A 113 -15.49 -5.48 13.41
C VAL A 113 -15.73 -4.59 14.62
N ARG A 114 -15.40 -3.30 14.50
CA ARG A 114 -15.64 -2.38 15.59
C ARG A 114 -17.12 -2.29 15.95
N LYS A 115 -17.98 -2.21 14.93
CA LYS A 115 -19.41 -2.14 15.15
C LYS A 115 -20.04 -3.50 15.38
N GLN A 116 -19.23 -4.57 15.41
CA GLN A 116 -19.74 -5.94 15.52
C GLN A 116 -20.71 -6.24 14.38
N ASN A 117 -20.32 -5.85 13.17
CA ASN A 117 -21.14 -6.04 11.98
C ASN A 117 -20.34 -6.77 10.91
N GLY A 118 -21.07 -7.37 9.97
CA GLY A 118 -20.47 -8.14 8.89
C GLY A 118 -20.97 -9.57 8.87
N GLU A 119 -20.12 -10.47 8.38
CA GLU A 119 -20.44 -11.89 8.45
C GLU A 119 -20.55 -12.34 9.91
N TYR A 120 -19.71 -11.78 10.77
CA TYR A 120 -19.82 -12.04 12.19
C TYR A 120 -21.18 -11.60 12.73
N ALA A 121 -21.75 -10.54 12.16
CA ALA A 121 -23.10 -10.13 12.55
C ALA A 121 -24.12 -11.20 12.14
N VAL A 122 -23.95 -11.80 10.96
CA VAL A 122 -24.83 -12.87 10.54
C VAL A 122 -24.73 -14.06 11.49
N CYS A 123 -23.50 -14.41 11.88
CA CYS A 123 -23.33 -15.50 12.84
C CYS A 123 -23.96 -15.15 14.19
N PHE A 124 -23.80 -13.90 14.63
CA PHE A 124 -24.38 -13.48 15.90
C PHE A 124 -25.90 -13.56 15.88
N THR A 125 -26.51 -13.14 14.76
CA THR A 125 -27.95 -13.32 14.61
C THR A 125 -28.30 -14.80 14.64
N LYS A 126 -27.50 -15.63 13.98
CA LYS A 126 -27.65 -17.08 14.12
C LYS A 126 -27.33 -17.54 15.53
N PHE A 127 -26.40 -16.85 16.20
CA PHE A 127 -26.08 -17.13 17.59
C PHE A 127 -27.06 -16.47 18.56
N GLU A 128 -28.03 -15.71 18.05
CA GLU A 128 -29.02 -15.05 18.88
C GLU A 128 -30.21 -15.93 19.21
N ALA A 129 -30.05 -17.25 19.10
CA ALA A 129 -31.13 -18.20 19.39
C ALA A 129 -31.23 -18.43 20.89
N ASN A 130 -32.01 -19.43 21.29
CA ASN A 130 -32.23 -19.69 22.71
C ASN A 130 -30.96 -20.11 23.43
N LEU A 131 -29.96 -20.62 22.71
CA LEU A 131 -28.71 -21.02 23.36
C LEU A 131 -28.05 -19.83 24.03
N VAL A 132 -28.01 -18.68 23.36
CA VAL A 132 -27.45 -17.49 23.97
C VAL A 132 -28.51 -16.74 24.75
N ASP A 133 -29.79 -16.89 24.40
CA ASP A 133 -30.85 -16.29 25.20
C ASP A 133 -30.85 -16.83 26.61
N ASP A 134 -30.41 -18.07 26.79
CA ASP A 134 -30.19 -18.66 28.10
C ASP A 134 -28.80 -18.37 28.64
N ARG A 135 -27.99 -17.61 27.90
CA ARG A 135 -26.64 -17.24 28.34
C ARG A 135 -26.37 -15.74 28.28
N ASP A 136 -26.92 -15.04 27.27
CA ASP A 136 -26.60 -13.65 26.96
C ASP A 136 -25.13 -13.44 26.67
N LYS A 137 -24.37 -14.53 26.44
CA LYS A 137 -22.95 -14.41 26.21
C LYS A 137 -22.62 -13.75 24.88
N VAL A 138 -23.58 -13.68 23.97
CA VAL A 138 -23.36 -12.97 22.71
C VAL A 138 -23.14 -11.49 22.98
N LEU A 139 -23.96 -10.89 23.85
CA LEU A 139 -23.80 -9.49 24.18
C LEU A 139 -22.47 -9.25 24.88
N ARG A 140 -22.09 -10.14 25.81
CA ARG A 140 -20.81 -10.00 26.47
C ARG A 140 -19.66 -10.09 25.46
N TRP A 141 -19.75 -11.02 24.53
CA TRP A 141 -18.70 -11.17 23.53
C TRP A 141 -18.61 -9.95 22.63
N ARG A 142 -19.76 -9.39 22.24
CA ARG A 142 -19.76 -8.20 21.39
C ARG A 142 -19.15 -7.00 22.12
N GLU A 143 -19.52 -6.82 23.39
CA GLU A 143 -18.92 -5.73 24.17
C GLU A 143 -17.42 -5.94 24.33
N ALA A 144 -17.00 -7.18 24.55
CA ALA A 144 -15.58 -7.47 24.70
C ALA A 144 -14.82 -7.17 23.40
N LEU A 145 -15.39 -7.56 22.26
CA LEU A 145 -14.76 -7.27 20.99
C LEU A 145 -14.66 -5.77 20.75
N THR A 146 -15.72 -5.03 21.09
CA THR A 146 -15.69 -3.59 20.93
C THR A 146 -14.62 -2.97 21.81
N LYS A 147 -14.50 -3.43 23.06
CA LYS A 147 -13.48 -2.90 23.95
C LYS A 147 -12.08 -3.25 23.45
N VAL A 148 -11.91 -4.46 22.92
CA VAL A 148 -10.60 -4.87 22.42
C VAL A 148 -10.22 -4.03 21.21
N ALA A 149 -11.20 -3.70 20.36
CA ALA A 149 -10.92 -2.87 19.20
C ALA A 149 -10.53 -1.45 19.60
N ASN A 150 -10.73 -1.07 20.87
CA ASN A 150 -10.27 0.23 21.33
C ASN A 150 -8.76 0.30 21.47
N ILE A 151 -8.06 -0.84 21.44
CA ILE A 151 -6.61 -0.88 21.52
C ILE A 151 -6.06 -1.06 20.11
N SER A 152 -5.16 -0.18 19.71
CA SER A 152 -4.59 -0.22 18.36
C SER A 152 -3.62 -1.38 18.22
N GLY A 153 -3.51 -1.88 17.00
CA GLY A 153 -2.64 -3.00 16.71
C GLY A 153 -1.97 -2.87 15.36
N HIS A 154 -2.03 -3.92 14.56
CA HIS A 154 -1.47 -3.93 13.22
C HIS A 154 -2.55 -4.37 12.24
N ASP A 155 -2.71 -3.61 11.15
CA ASP A 155 -3.69 -3.88 10.10
C ASP A 155 -2.95 -4.02 8.78
N LEU A 156 -2.67 -5.26 8.39
CA LEU A 156 -1.89 -5.50 7.17
C LEU A 156 -2.61 -4.98 5.93
N ARG A 157 -3.92 -5.21 5.84
CA ARG A 157 -4.67 -4.80 4.67
C ARG A 157 -4.79 -3.28 4.56
N ASN A 158 -4.43 -2.54 5.60
CA ASN A 158 -4.52 -1.08 5.57
C ASN A 158 -3.17 -0.40 5.75
N THR A 159 -2.40 -0.77 6.78
CA THR A 159 -1.15 -0.09 7.04
C THR A 159 -0.18 -0.25 5.87
N TYR A 160 -0.05 -1.47 5.36
CA TYR A 160 0.74 -1.74 4.16
C TYR A 160 -0.13 -2.06 2.96
N ASN A 161 -1.23 -2.78 3.17
CA ASN A 161 -2.24 -3.12 2.16
C ASN A 161 -1.73 -4.09 1.11
N GLY A 162 -0.44 -4.38 1.06
CA GLY A 162 0.07 -5.28 0.05
C GLY A 162 1.21 -6.16 0.51
N ASP A 163 1.36 -6.33 1.82
CA ASP A 163 2.53 -7.03 2.35
C ASP A 163 2.08 -8.09 3.35
N GLU A 164 2.92 -9.10 3.50
CA GLU A 164 2.75 -10.11 4.54
C GLU A 164 4.00 -10.29 5.38
N SER A 165 5.18 -10.19 4.76
CA SER A 165 6.42 -10.31 5.51
C SER A 165 6.72 -9.05 6.32
N LYS A 166 6.27 -7.89 5.84
CA LYS A 166 6.53 -6.65 6.57
C LYS A 166 5.81 -6.65 7.92
N CYS A 167 4.58 -7.12 7.96
CA CYS A 167 3.86 -7.21 9.22
C CYS A 167 4.56 -8.17 10.18
N ILE A 168 5.07 -9.29 9.65
CA ILE A 168 5.82 -10.22 10.49
C ILE A 168 7.07 -9.55 11.03
N GLN A 169 7.75 -8.75 10.20
CA GLN A 169 8.92 -8.03 10.67
C GLN A 169 8.56 -7.04 11.77
N GLN A 170 7.44 -6.34 11.62
CA GLN A 170 7.01 -5.41 12.65
C GLN A 170 6.70 -6.14 13.96
N ILE A 171 6.02 -7.30 13.86
CA ILE A 171 5.71 -8.07 15.05
C ILE A 171 6.99 -8.54 15.74
N LEU A 172 7.96 -9.01 14.96
CA LEU A 172 9.23 -9.44 15.54
C LEU A 172 9.96 -8.27 16.19
N LYS A 173 9.90 -7.09 15.57
CA LYS A 173 10.51 -5.91 16.16
C LYS A 173 9.87 -5.59 17.51
N ASP A 174 8.55 -5.72 17.58
CA ASP A 174 7.86 -5.46 18.85
C ASP A 174 8.24 -6.49 19.90
N ILE A 175 8.35 -7.76 19.51
CA ILE A 175 8.54 -8.85 20.47
C ILE A 175 9.93 -8.79 21.10
N PHE A 176 10.96 -8.93 20.27
CA PHE A 176 12.33 -8.97 20.78
C PHE A 176 12.86 -7.56 21.03
N SER B 11 2.69 19.26 27.71
CA SER B 11 3.73 20.22 27.40
C SER B 11 4.55 19.77 26.20
N TYR B 12 3.91 19.74 25.03
CA TYR B 12 4.55 19.38 23.77
C TYR B 12 4.51 20.58 22.83
N ASP B 13 4.93 20.36 21.59
CA ASP B 13 5.12 21.46 20.64
C ASP B 13 3.86 21.76 19.82
N VAL B 14 3.39 20.78 19.05
CA VAL B 14 2.27 21.00 18.14
C VAL B 14 1.42 19.75 18.05
N PHE B 15 0.35 19.80 17.27
CA PHE B 15 -0.50 18.65 17.02
C PHE B 15 -1.07 18.77 15.62
N LEU B 16 -1.63 17.65 15.14
CA LEU B 16 -2.24 17.61 13.81
C LEU B 16 -3.56 16.87 13.88
N SER B 17 -4.47 17.25 12.99
CA SER B 17 -5.78 16.63 12.92
C SER B 17 -6.25 16.65 11.47
N PHE B 18 -6.71 15.49 10.98
CA PHE B 18 -7.16 15.37 9.61
C PHE B 18 -8.17 14.23 9.51
N ARG B 19 -8.84 14.17 8.37
CA ARG B 19 -9.78 13.09 8.06
C ARG B 19 -9.10 12.10 7.13
N GLY B 20 -9.07 10.83 7.53
CA GLY B 20 -8.30 9.83 6.80
C GLY B 20 -8.77 9.58 5.39
N GLU B 21 -10.02 9.93 5.08
CA GLU B 21 -10.57 9.61 3.77
C GLU B 21 -9.89 10.40 2.66
N ASP B 22 -9.58 11.68 2.91
CA ASP B 22 -9.11 12.57 1.86
C ASP B 22 -7.79 13.26 2.14
N THR B 23 -7.28 13.19 3.37
CA THR B 23 -6.03 13.88 3.70
C THR B 23 -4.88 12.95 4.08
N ARG B 24 -5.17 11.70 4.46
CA ARG B 24 -4.12 10.81 4.93
C ARG B 24 -3.15 10.41 3.84
N LYS B 25 -3.46 10.70 2.58
CA LYS B 25 -2.64 10.26 1.46
C LYS B 25 -1.75 11.37 0.89
N THR B 26 -2.29 12.56 0.67
CA THR B 26 -1.55 13.61 -0.01
C THR B 26 -1.26 14.82 0.88
N PHE B 27 -2.28 15.42 1.48
CA PHE B 27 -2.09 16.70 2.15
C PHE B 27 -1.46 16.54 3.52
N VAL B 28 -2.10 15.74 4.38
CA VAL B 28 -1.66 15.64 5.77
C VAL B 28 -0.23 15.13 5.85
N GLY B 29 0.13 14.20 4.96
CA GLY B 29 1.49 13.71 4.95
C GLY B 29 2.51 14.78 4.60
N HIS B 30 2.19 15.60 3.59
CA HIS B 30 3.10 16.68 3.22
C HIS B 30 3.24 17.69 4.35
N LEU B 31 2.13 18.02 5.00
CA LEU B 31 2.19 18.94 6.13
C LEU B 31 3.03 18.37 7.27
N PHE B 32 2.87 17.07 7.55
CA PHE B 32 3.66 16.45 8.61
C PHE B 32 5.14 16.45 8.27
N ASN B 33 5.48 16.16 7.01
CA ASN B 33 6.87 16.19 6.60
C ASN B 33 7.45 17.59 6.74
N ALA B 34 6.68 18.61 6.34
CA ALA B 34 7.14 19.98 6.47
C ALA B 34 7.37 20.37 7.93
N LEU B 35 6.43 19.99 8.79
CA LEU B 35 6.57 20.32 10.22
C LEU B 35 7.77 19.61 10.84
N ILE B 36 7.96 18.33 10.51
CA ILE B 36 9.10 17.59 11.07
C ILE B 36 10.41 18.19 10.58
N GLU B 37 10.50 18.49 9.29
CA GLU B 37 11.73 19.08 8.76
C GLU B 37 12.01 20.43 9.39
N LYS B 38 10.98 21.24 9.60
CA LYS B 38 11.17 22.57 10.15
C LYS B 38 11.74 22.54 11.56
N GLY B 39 11.63 21.42 12.27
CA GLY B 39 12.18 21.28 13.59
C GLY B 39 11.18 21.31 14.73
N ILE B 40 9.89 21.39 14.43
CA ILE B 40 8.84 21.39 15.46
C ILE B 40 8.25 20.00 15.53
N HIS B 41 8.24 19.41 16.73
CA HIS B 41 7.72 18.07 16.90
C HIS B 41 6.22 18.05 16.67
N THR B 42 5.75 16.98 16.02
CA THR B 42 4.33 16.80 15.74
C THR B 42 3.92 15.38 16.10
N PHE B 43 2.71 15.26 16.62
CA PHE B 43 2.16 13.97 17.05
C PHE B 43 0.91 13.68 16.24
N MET B 44 1.09 13.10 15.05
CA MET B 44 -0.03 12.71 14.22
C MET B 44 -0.64 11.42 14.74
N ASP B 45 -1.90 11.19 14.38
CA ASP B 45 -2.56 9.95 14.78
C ASP B 45 -2.22 8.84 13.79
N ASP B 46 -0.95 8.76 13.41
CA ASP B 46 -0.44 7.65 12.61
C ASP B 46 0.87 7.07 13.11
N LYS B 47 1.67 7.82 13.87
CA LYS B 47 2.96 7.35 14.33
C LYS B 47 3.03 7.43 15.86
N GLU B 48 2.32 8.38 16.45
CA GLU B 48 2.31 8.55 17.89
C GLU B 48 1.25 7.64 18.50
N LEU B 49 1.55 6.35 18.46
CA LEU B 49 0.66 5.34 19.03
C LEU B 49 1.44 4.06 19.28
N LYS B 50 1.58 3.69 20.55
CA LYS B 50 2.18 2.41 20.91
C LYS B 50 1.11 1.32 20.91
N ARG B 51 1.53 0.10 20.60
CA ARG B 51 0.58 -0.98 20.39
C ARG B 51 -0.19 -1.30 21.66
N GLY B 52 0.50 -1.39 22.80
CA GLY B 52 -0.16 -1.84 24.02
C GLY B 52 -1.20 -0.87 24.54
N LYS B 53 -0.89 0.42 24.55
CA LYS B 53 -1.76 1.39 25.18
C LYS B 53 -3.02 1.59 24.35
N SER B 54 -4.02 2.20 24.98
CA SER B 54 -5.32 2.40 24.34
C SER B 54 -5.23 3.48 23.27
N ILE B 55 -6.37 3.78 22.65
CA ILE B 55 -6.46 4.76 21.57
C ILE B 55 -7.11 6.05 22.04
N SER B 56 -8.31 5.95 22.61
CA SER B 56 -8.98 7.15 23.12
C SER B 56 -8.19 7.79 24.25
N SER B 57 -7.66 6.97 25.16
CA SER B 57 -6.88 7.51 26.27
C SER B 57 -5.60 8.16 25.78
N GLU B 58 -4.88 7.48 24.88
CA GLU B 58 -3.65 8.05 24.34
C GLU B 58 -3.94 9.35 23.59
N LEU B 59 -5.02 9.36 22.81
CA LEU B 59 -5.38 10.56 22.07
C LEU B 59 -5.70 11.72 23.01
N MET B 60 -6.46 11.45 24.06
CA MET B 60 -6.80 12.50 25.01
C MET B 60 -5.55 13.04 25.70
N LYS B 61 -4.65 12.15 26.11
CA LYS B 61 -3.42 12.61 26.74
C LYS B 61 -2.58 13.44 25.79
N ALA B 62 -2.43 12.98 24.55
CA ALA B 62 -1.64 13.72 23.57
C ALA B 62 -2.23 15.10 23.31
N ILE B 63 -3.56 15.17 23.19
CA ILE B 63 -4.20 16.46 22.98
C ILE B 63 -3.99 17.37 24.18
N GLY B 64 -4.09 16.82 25.39
CA GLY B 64 -3.88 17.62 26.58
C GLY B 64 -2.47 18.18 26.69
N GLU B 65 -1.48 17.40 26.27
CA GLU B 65 -0.09 17.82 26.42
C GLU B 65 0.46 18.58 25.22
N SER B 66 -0.33 18.77 24.17
CA SER B 66 0.14 19.49 23.00
C SER B 66 -0.29 20.95 23.05
N ARG B 67 0.40 21.77 22.26
CA ARG B 67 0.18 23.22 22.28
C ARG B 67 -0.68 23.70 21.10
N PHE B 68 -0.21 23.49 19.88
CA PHE B 68 -0.87 24.02 18.69
C PHE B 68 -1.53 22.88 17.92
N ALA B 69 -2.82 23.05 17.62
CA ALA B 69 -3.59 22.06 16.88
C ALA B 69 -4.08 22.67 15.58
N VAL B 70 -3.95 21.92 14.49
CA VAL B 70 -4.38 22.36 13.17
C VAL B 70 -5.24 21.25 12.58
N VAL B 71 -6.53 21.50 12.44
CA VAL B 71 -7.48 20.53 11.92
C VAL B 71 -7.95 21.02 10.55
N VAL B 72 -7.75 20.19 9.53
CA VAL B 72 -8.18 20.52 8.18
C VAL B 72 -9.58 19.96 7.98
N PHE B 73 -10.58 20.85 7.95
CA PHE B 73 -11.96 20.43 7.79
C PHE B 73 -12.23 20.14 6.32
N SER B 74 -12.61 18.91 6.02
CA SER B 74 -12.89 18.47 4.66
C SER B 74 -14.39 18.42 4.41
N LYS B 75 -14.75 17.99 3.20
CA LYS B 75 -16.17 17.94 2.82
C LYS B 75 -16.93 16.93 3.69
N ASN B 76 -16.34 15.76 3.93
CA ASN B 76 -16.97 14.73 4.75
C ASN B 76 -16.48 14.76 6.18
N TYR B 77 -16.09 15.94 6.67
CA TYR B 77 -15.52 16.04 8.01
C TYR B 77 -16.51 15.56 9.07
N ALA B 78 -17.78 15.90 8.92
CA ALA B 78 -18.79 15.49 9.88
C ALA B 78 -18.98 13.98 9.91
N SER B 79 -18.57 13.27 8.85
CA SER B 79 -18.80 11.83 8.80
C SER B 79 -18.07 11.10 9.92
N SER B 80 -16.81 11.46 10.16
CA SER B 80 -15.99 10.75 11.13
C SER B 80 -16.43 11.14 12.53
N THR B 81 -17.16 10.24 13.20
CA THR B 81 -17.63 10.52 14.55
C THR B 81 -16.46 10.69 15.50
N TRP B 82 -15.43 9.86 15.37
CA TRP B 82 -14.25 10.01 16.20
C TRP B 82 -13.60 11.37 15.99
N CYS B 83 -13.53 11.83 14.74
CA CYS B 83 -12.96 13.14 14.47
C CYS B 83 -13.79 14.24 15.10
N LEU B 84 -15.12 14.11 15.05
CA LEU B 84 -15.98 15.10 15.69
C LEU B 84 -15.75 15.12 17.19
N GLU B 85 -15.61 13.94 17.81
CA GLU B 85 -15.34 13.89 19.23
C GLU B 85 -14.00 14.53 19.56
N GLU B 86 -13.00 14.31 18.70
CA GLU B 86 -11.69 14.94 18.91
C GLU B 86 -11.80 16.46 18.80
N LEU B 87 -12.60 16.94 17.85
CA LEU B 87 -12.82 18.38 17.74
C LEU B 87 -13.49 18.93 18.99
N VAL B 88 -14.47 18.19 19.51
CA VAL B 88 -15.16 18.63 20.73
C VAL B 88 -14.18 18.71 21.89
N LYS B 89 -13.34 17.68 22.04
CA LYS B 89 -12.37 17.68 23.13
C LYS B 89 -11.35 18.81 22.98
N ILE B 90 -10.90 19.06 21.75
CA ILE B 90 -9.96 20.16 21.52
C ILE B 90 -10.61 21.49 21.85
N LEU B 91 -11.88 21.67 21.47
CA LEU B 91 -12.58 22.90 21.80
C LEU B 91 -12.73 23.06 23.31
N GLU B 92 -13.05 21.97 24.01
CA GLU B 92 -13.18 22.05 25.45
C GLU B 92 -11.86 22.41 26.11
N ILE B 93 -10.76 21.83 25.61
CA ILE B 93 -9.44 22.17 26.15
C ILE B 93 -9.12 23.64 25.91
N HIS B 94 -9.44 24.14 24.72
CA HIS B 94 -9.23 25.56 24.44
C HIS B 94 -10.12 26.44 25.30
N GLU B 95 -11.28 25.91 25.71
CA GLU B 95 -12.15 26.67 26.60
C GLU B 95 -11.59 26.73 28.02
N LYS B 96 -11.08 25.60 28.52
CA LYS B 96 -10.54 25.56 29.88
C LYS B 96 -9.12 26.11 29.93
N PHE B 97 -8.22 25.50 29.16
CA PHE B 97 -6.85 25.97 29.05
C PHE B 97 -6.74 26.94 27.88
N GLU B 98 -5.51 27.28 27.50
CA GLU B 98 -5.29 28.24 26.43
C GLU B 98 -4.49 27.63 25.29
N LEU B 99 -4.85 26.42 24.88
CA LEU B 99 -4.15 25.76 23.79
C LEU B 99 -4.25 26.59 22.52
N ILE B 100 -3.16 26.61 21.75
CA ILE B 100 -3.12 27.38 20.52
C ILE B 100 -4.13 26.78 19.53
N VAL B 101 -4.97 27.64 18.96
CA VAL B 101 -6.01 27.22 18.04
C VAL B 101 -5.65 27.75 16.66
N VAL B 102 -5.75 26.89 15.66
CA VAL B 102 -5.46 27.29 14.27
C VAL B 102 -6.37 26.51 13.33
N PRO B 103 -7.11 27.19 12.46
CA PRO B 103 -7.98 26.46 11.52
C PRO B 103 -7.32 26.23 10.16
N VAL B 104 -7.70 25.12 9.54
CA VAL B 104 -7.28 24.78 8.18
C VAL B 104 -8.53 24.35 7.42
N PHE B 105 -8.72 24.92 6.24
CA PHE B 105 -9.95 24.66 5.48
C PHE B 105 -9.62 24.67 3.99
N TYR B 106 -9.69 23.51 3.36
CA TYR B 106 -9.45 23.35 1.93
C TYR B 106 -10.67 22.71 1.28
N ASP B 107 -11.09 23.26 0.15
CA ASP B 107 -12.24 22.79 -0.61
C ASP B 107 -13.53 22.81 0.21
N VAL B 108 -13.53 23.51 1.35
CA VAL B 108 -14.72 23.70 2.16
C VAL B 108 -14.72 25.14 2.66
N ASP B 109 -15.53 25.98 2.03
CA ASP B 109 -15.52 27.39 2.37
C ASP B 109 -15.95 27.59 3.81
N PRO B 110 -15.36 28.55 4.53
CA PRO B 110 -15.74 28.73 5.94
C PRO B 110 -17.21 29.02 6.15
N SER B 111 -17.85 29.72 5.21
CA SER B 111 -19.27 30.02 5.35
C SER B 111 -20.10 28.75 5.33
N THR B 112 -19.73 27.79 4.48
CA THR B 112 -20.49 26.54 4.40
C THR B 112 -20.45 25.79 5.73
N VAL B 113 -19.26 25.71 6.34
CA VAL B 113 -19.13 24.97 7.60
C VAL B 113 -19.76 25.75 8.75
N ARG B 114 -19.69 27.08 8.71
CA ARG B 114 -20.19 27.89 9.83
C ARG B 114 -21.67 27.66 10.06
N LYS B 115 -22.45 27.61 8.97
CA LYS B 115 -23.87 27.31 9.07
C LYS B 115 -24.14 25.82 9.16
N GLN B 116 -23.10 24.99 9.23
CA GLN B 116 -23.24 23.54 9.25
C GLN B 116 -24.06 23.06 8.06
N ASN B 117 -23.87 23.72 6.92
CA ASN B 117 -24.69 23.51 5.75
C ASN B 117 -23.96 22.65 4.71
N GLY B 118 -24.64 22.42 3.60
CA GLY B 118 -24.05 21.66 2.51
C GLY B 118 -23.80 20.22 2.91
N GLU B 119 -22.57 19.76 2.69
CA GLU B 119 -22.22 18.39 3.07
C GLU B 119 -22.34 18.19 4.57
N TYR B 120 -21.96 19.20 5.36
CA TYR B 120 -22.19 19.14 6.79
C TYR B 120 -23.68 19.00 7.11
N ALA B 121 -24.52 19.72 6.37
CA ALA B 121 -25.97 19.62 6.57
C ALA B 121 -26.46 18.20 6.28
N VAL B 122 -25.98 17.60 5.19
CA VAL B 122 -26.42 16.25 4.84
C VAL B 122 -25.97 15.25 5.89
N CYS B 123 -24.71 15.36 6.33
CA CYS B 123 -24.21 14.44 7.34
C CYS B 123 -24.97 14.58 8.65
N PHE B 124 -25.27 15.83 9.05
CA PHE B 124 -26.04 16.04 10.28
C PHE B 124 -27.47 15.51 10.12
N THR B 125 -28.06 15.68 8.94
CA THR B 125 -29.40 15.16 8.69
C THR B 125 -29.43 13.64 8.80
N LYS B 126 -28.37 12.98 8.34
CA LYS B 126 -28.24 11.55 8.56
C LYS B 126 -28.20 11.21 10.04
N PHE B 127 -27.58 12.07 10.85
CA PHE B 127 -27.50 11.91 12.29
C PHE B 127 -28.53 12.76 13.02
N GLU B 128 -29.53 13.28 12.30
CA GLU B 128 -30.53 14.16 12.92
C GLU B 128 -31.32 13.43 13.99
N ALA B 129 -31.66 12.17 13.75
CA ALA B 129 -32.38 11.36 14.73
C ALA B 129 -31.47 10.38 15.47
N ASN B 130 -30.15 10.51 15.31
CA ASN B 130 -29.22 9.55 15.90
C ASN B 130 -28.72 10.01 17.26
N LEU B 131 -28.07 11.19 17.33
CA LEU B 131 -27.40 11.62 18.54
C LEU B 131 -27.61 13.08 18.89
N VAL B 132 -28.46 13.81 18.16
CA VAL B 132 -28.72 15.20 18.51
C VAL B 132 -29.49 15.29 19.81
N ASP B 133 -30.55 14.50 19.94
CA ASP B 133 -31.36 14.48 21.15
C ASP B 133 -31.07 13.28 22.04
N ASP B 134 -30.65 12.16 21.45
CA ASP B 134 -30.40 10.95 22.23
C ASP B 134 -29.13 11.06 23.08
N ARG B 135 -28.22 11.96 22.72
CA ARG B 135 -26.97 12.11 23.47
C ARG B 135 -26.61 13.55 23.79
N ASP B 136 -27.23 14.54 23.14
CA ASP B 136 -26.97 15.96 23.34
C ASP B 136 -25.51 16.32 23.09
N LYS B 137 -24.71 15.39 22.58
CA LYS B 137 -23.34 15.68 22.20
C LYS B 137 -23.24 16.14 20.76
N VAL B 138 -24.20 15.78 19.91
CA VAL B 138 -24.22 16.32 18.56
C VAL B 138 -24.50 17.81 18.59
N LEU B 139 -25.34 18.27 19.51
CA LEU B 139 -25.58 19.71 19.67
C LEU B 139 -24.29 20.41 20.10
N ARG B 140 -23.57 19.83 21.06
CA ARG B 140 -22.32 20.42 21.49
C ARG B 140 -21.30 20.45 20.36
N TRP B 141 -21.24 19.38 19.57
CA TRP B 141 -20.33 19.34 18.44
C TRP B 141 -20.68 20.38 17.38
N ARG B 142 -21.99 20.55 17.11
CA ARG B 142 -22.41 21.56 16.16
C ARG B 142 -22.05 22.95 16.64
N GLU B 143 -22.30 23.23 17.93
CA GLU B 143 -21.94 24.54 18.47
C GLU B 143 -20.44 24.77 18.42
N ALA B 144 -19.65 23.75 18.75
CA ALA B 144 -18.19 23.89 18.72
C ALA B 144 -17.71 24.12 17.30
N LEU B 145 -18.26 23.40 16.34
CA LEU B 145 -17.88 23.61 14.94
C LEU B 145 -18.24 25.02 14.49
N THR B 146 -19.42 25.50 14.90
CA THR B 146 -19.82 26.86 14.56
C THR B 146 -18.86 27.88 15.14
N LYS B 147 -18.47 27.70 16.41
CA LYS B 147 -17.54 28.63 17.04
C LYS B 147 -16.17 28.59 16.36
N VAL B 148 -15.69 27.38 16.04
CA VAL B 148 -14.39 27.26 15.40
C VAL B 148 -14.42 27.89 14.01
N ALA B 149 -15.53 27.74 13.30
CA ALA B 149 -15.69 28.42 12.03
C ALA B 149 -15.66 29.92 12.21
N ASN B 150 -16.33 30.42 13.25
CA ASN B 150 -16.24 31.84 13.57
C ASN B 150 -14.81 32.21 13.94
N ILE B 151 -14.02 31.27 14.43
CA ILE B 151 -12.63 31.52 14.77
C ILE B 151 -11.82 31.59 13.48
N SER B 152 -11.04 32.66 13.33
CA SER B 152 -10.25 32.86 12.13
C SER B 152 -9.08 31.89 12.08
N GLY B 153 -8.74 31.46 10.88
CA GLY B 153 -7.64 30.54 10.67
C GLY B 153 -7.03 30.73 9.30
N HIS B 154 -6.47 29.65 8.75
CA HIS B 154 -5.83 29.67 7.45
C HIS B 154 -6.74 28.96 6.44
N ASP B 155 -7.01 29.63 5.32
CA ASP B 155 -7.87 29.10 4.28
C ASP B 155 -7.14 29.14 2.95
N LEU B 156 -7.62 28.33 2.00
CA LEU B 156 -6.97 28.21 0.70
C LEU B 156 -7.92 28.24 -0.49
N ARG B 157 -9.24 28.26 -0.27
CA ARG B 157 -10.17 28.27 -1.40
C ARG B 157 -10.01 29.52 -2.24
N ASN B 158 -9.84 30.67 -1.60
CA ASN B 158 -9.69 31.95 -2.29
C ASN B 158 -8.43 32.71 -1.91
N THR B 159 -7.86 32.43 -0.75
CA THR B 159 -6.64 33.13 -0.34
C THR B 159 -5.47 32.78 -1.25
N TYR B 160 -5.25 31.49 -1.48
CA TYR B 160 -4.15 31.02 -2.33
C TYR B 160 -4.66 30.43 -3.63
N ASN B 161 -5.48 29.38 -3.55
CA ASN B 161 -6.26 28.89 -4.69
C ASN B 161 -5.41 28.43 -5.87
N GLY B 162 -4.09 28.44 -5.72
CA GLY B 162 -3.23 28.10 -6.84
C GLY B 162 -2.15 27.09 -6.56
N ASP B 163 -1.86 26.83 -5.29
CA ASP B 163 -0.79 25.90 -4.94
C ASP B 163 -0.98 25.46 -3.50
N GLU B 164 -1.25 24.16 -3.31
CA GLU B 164 -1.38 23.64 -1.95
C GLU B 164 -0.08 23.76 -1.19
N SER B 165 1.04 23.42 -1.82
CA SER B 165 2.33 23.51 -1.15
C SER B 165 2.65 24.94 -0.74
N LYS B 166 2.19 25.91 -1.53
CA LYS B 166 2.32 27.31 -1.10
C LYS B 166 1.58 27.53 0.21
N CYS B 167 0.38 26.96 0.35
CA CYS B 167 -0.37 27.11 1.59
C CYS B 167 0.34 26.42 2.75
N ILE B 168 0.91 25.24 2.51
CA ILE B 168 1.61 24.53 3.56
C ILE B 168 2.81 25.35 4.04
N GLN B 169 3.57 25.89 3.10
CA GLN B 169 4.72 26.72 3.47
C GLN B 169 4.25 27.99 4.19
N GLN B 170 3.13 28.56 3.76
CA GLN B 170 2.61 29.74 4.42
C GLN B 170 2.25 29.45 5.88
N ILE B 171 1.60 28.31 6.12
CA ILE B 171 1.23 27.94 7.48
C ILE B 171 2.48 27.68 8.31
N LEU B 172 3.46 26.97 7.74
CA LEU B 172 4.68 26.67 8.48
C LEU B 172 5.44 27.93 8.85
N LYS B 173 5.50 28.89 7.94
CA LYS B 173 6.15 30.16 8.24
C LYS B 173 5.34 30.97 9.24
N ASP B 174 4.02 30.88 9.18
CA ASP B 174 3.14 31.67 10.02
C ASP B 174 3.00 31.13 11.43
N ILE B 175 3.42 29.89 11.69
CA ILE B 175 3.36 29.36 13.05
C ILE B 175 4.19 30.24 13.98
N PHE B 176 5.39 30.61 13.54
CA PHE B 176 6.26 31.50 14.31
C PHE B 176 7.37 32.03 13.42
N SER C 11 24.26 25.26 -14.43
CA SER C 11 23.06 25.86 -13.88
C SER C 11 22.06 24.77 -13.45
N TYR C 12 20.98 24.63 -14.21
CA TYR C 12 19.97 23.63 -13.88
C TYR C 12 20.56 22.22 -13.99
N ASP C 13 20.25 21.38 -13.00
CA ASP C 13 20.75 20.02 -12.97
C ASP C 13 19.78 19.03 -13.62
N VAL C 14 18.57 18.94 -13.09
CA VAL C 14 17.54 18.04 -13.60
C VAL C 14 16.27 18.83 -13.86
N PHE C 15 15.77 18.78 -15.09
CA PHE C 15 14.60 19.56 -15.51
C PHE C 15 13.40 18.61 -15.60
N LEU C 16 12.54 18.65 -14.58
CA LEU C 16 11.33 17.85 -14.59
C LEU C 16 10.38 18.35 -15.68
N SER C 17 9.80 17.43 -16.42
CA SER C 17 8.93 17.75 -17.54
C SER C 17 7.56 17.11 -17.32
N PHE C 18 6.54 17.95 -17.12
CA PHE C 18 5.17 17.50 -17.06
C PHE C 18 4.27 18.65 -17.46
N ARG C 19 3.19 18.35 -18.16
CA ARG C 19 2.29 19.39 -18.67
C ARG C 19 1.58 20.05 -17.51
N GLY C 20 1.61 21.38 -17.47
CA GLY C 20 0.98 22.12 -16.40
C GLY C 20 -0.52 22.11 -16.47
N GLU C 21 -1.12 20.91 -16.46
CA GLU C 21 -2.56 20.76 -16.59
C GLU C 21 -3.23 20.31 -15.29
N ASP C 22 -2.79 19.20 -14.71
CA ASP C 22 -3.38 18.67 -13.50
C ASP C 22 -2.40 18.69 -12.32
N THR C 23 -1.24 18.08 -12.48
CA THR C 23 -0.29 17.96 -11.37
C THR C 23 0.39 19.27 -11.03
N ARG C 24 0.15 20.33 -11.79
CA ARG C 24 0.83 21.60 -11.55
C ARG C 24 0.43 22.25 -10.24
N LYS C 25 -0.61 21.75 -9.56
CA LYS C 25 -1.12 22.38 -8.35
C LYS C 25 -0.56 21.73 -7.08
N THR C 26 -0.63 20.41 -6.97
CA THR C 26 -0.29 19.73 -5.73
C THR C 26 0.93 18.83 -5.86
N PHE C 27 0.95 17.89 -6.81
CA PHE C 27 2.01 16.89 -6.84
C PHE C 27 3.30 17.47 -7.41
N VAL C 28 3.25 17.94 -8.67
CA VAL C 28 4.44 18.50 -9.30
C VAL C 28 4.91 19.74 -8.54
N GLY C 29 3.97 20.52 -8.00
CA GLY C 29 4.36 21.63 -7.15
C GLY C 29 5.15 21.17 -5.95
N HIS C 30 4.70 20.09 -5.31
CA HIS C 30 5.43 19.56 -4.16
C HIS C 30 6.82 19.10 -4.57
N LEU C 31 6.93 18.43 -5.73
CA LEU C 31 8.24 17.96 -6.18
C LEU C 31 9.17 19.14 -6.44
N PHE C 32 8.67 20.19 -7.11
CA PHE C 32 9.50 21.35 -7.37
C PHE C 32 9.94 22.02 -6.08
N ASN C 33 9.02 22.17 -5.13
CA ASN C 33 9.37 22.81 -3.85
C ASN C 33 10.41 22.01 -3.10
N ALA C 34 10.25 20.69 -3.05
CA ALA C 34 11.19 19.85 -2.32
C ALA C 34 12.57 19.86 -2.97
N LEU C 35 12.63 19.74 -4.30
CA LEU C 35 13.92 19.77 -4.98
C LEU C 35 14.60 21.11 -4.81
N ILE C 36 13.85 22.22 -4.92
CA ILE C 36 14.44 23.54 -4.77
C ILE C 36 14.96 23.72 -3.34
N GLU C 37 14.18 23.28 -2.35
CA GLU C 37 14.61 23.43 -0.97
C GLU C 37 15.86 22.61 -0.68
N LYS C 38 15.93 21.39 -1.23
CA LYS C 38 17.03 20.48 -0.92
C LYS C 38 18.36 20.93 -1.49
N GLY C 39 18.38 21.96 -2.34
CA GLY C 39 19.61 22.54 -2.83
C GLY C 39 20.00 22.14 -4.26
N ILE C 40 19.30 21.20 -4.87
CA ILE C 40 19.59 20.79 -6.24
C ILE C 40 18.94 21.77 -7.19
N HIS C 41 19.75 22.38 -8.06
CA HIS C 41 19.24 23.38 -9.00
C HIS C 41 18.45 22.72 -10.11
N THR C 42 17.28 23.27 -10.40
CA THR C 42 16.39 22.67 -11.38
C THR C 42 15.62 23.76 -12.13
N PHE C 43 15.39 23.53 -13.41
CA PHE C 43 14.59 24.42 -14.25
C PHE C 43 13.28 23.72 -14.59
N MET C 44 12.18 24.44 -14.45
CA MET C 44 10.85 23.86 -14.51
C MET C 44 10.03 24.55 -15.60
N ASP C 45 8.73 24.28 -15.59
CA ASP C 45 7.83 24.88 -16.58
C ASP C 45 7.83 26.39 -16.40
N ASP C 46 8.45 27.10 -17.34
CA ASP C 46 8.70 28.52 -17.16
C ASP C 46 7.41 29.32 -17.09
N LYS C 47 6.46 29.05 -17.99
CA LYS C 47 5.23 29.82 -18.06
C LYS C 47 4.05 28.89 -18.15
N GLU C 48 3.03 29.16 -17.33
CA GLU C 48 1.76 28.45 -17.46
C GLU C 48 1.06 28.77 -18.77
N LEU C 49 1.39 29.92 -19.37
CA LEU C 49 0.89 30.33 -20.68
C LEU C 49 1.95 30.16 -21.75
N LYS C 50 2.70 29.05 -21.69
CA LYS C 50 3.86 28.85 -22.56
C LYS C 50 3.49 29.02 -24.02
N ARG C 51 4.29 29.83 -24.73
CA ARG C 51 4.00 30.18 -26.11
C ARG C 51 4.67 29.18 -27.05
N GLY C 52 3.89 28.65 -27.98
CA GLY C 52 4.41 27.72 -28.96
C GLY C 52 4.41 26.29 -28.48
N LYS C 53 3.81 25.39 -29.27
CA LYS C 53 3.84 23.97 -28.95
C LYS C 53 5.23 23.36 -29.14
N SER C 54 6.15 24.10 -29.74
CA SER C 54 7.52 23.64 -29.92
C SER C 54 8.36 24.07 -28.73
N ILE C 55 9.69 23.96 -28.85
CA ILE C 55 10.62 24.31 -27.80
C ILE C 55 11.52 25.43 -28.31
N SER C 56 11.62 26.50 -27.55
CA SER C 56 12.45 27.64 -27.92
C SER C 56 13.89 27.36 -27.52
N SER C 57 14.72 28.40 -27.55
CA SER C 57 16.13 28.25 -27.15
C SER C 57 16.25 27.83 -25.69
N GLU C 58 15.43 28.40 -24.82
CA GLU C 58 15.54 28.10 -23.40
C GLU C 58 15.27 26.62 -23.13
N LEU C 59 14.20 26.07 -23.71
CA LEU C 59 13.87 24.68 -23.48
C LEU C 59 14.95 23.75 -24.04
N MET C 60 15.44 24.03 -25.24
CA MET C 60 16.47 23.18 -25.84
C MET C 60 17.75 23.22 -25.02
N LYS C 61 18.16 24.40 -24.57
CA LYS C 61 19.37 24.52 -23.76
C LYS C 61 19.21 23.80 -22.43
N ALA C 62 18.03 23.93 -21.80
CA ALA C 62 17.79 23.22 -20.55
C ALA C 62 17.84 21.71 -20.76
N ILE C 63 17.25 21.22 -21.85
CA ILE C 63 17.26 19.79 -22.11
C ILE C 63 18.68 19.31 -22.35
N GLY C 64 19.46 20.06 -23.12
CA GLY C 64 20.83 19.65 -23.40
C GLY C 64 21.72 19.68 -22.17
N GLU C 65 21.55 20.69 -21.33
CA GLU C 65 22.43 20.89 -20.17
C GLU C 65 21.86 20.31 -18.88
N SER C 66 20.88 19.41 -18.97
CA SER C 66 20.32 18.78 -17.79
C SER C 66 21.05 17.46 -17.51
N ARG C 67 21.52 17.30 -16.26
CA ARG C 67 22.17 16.05 -15.88
C ARG C 67 21.18 14.89 -15.95
N PHE C 68 19.93 15.14 -15.58
CA PHE C 68 18.88 14.12 -15.63
C PHE C 68 17.56 14.80 -15.91
N ALA C 69 16.49 14.01 -15.93
CA ALA C 69 15.15 14.55 -16.17
C ALA C 69 14.13 13.70 -15.44
N VAL C 70 12.99 14.32 -15.16
CA VAL C 70 11.86 13.65 -14.49
C VAL C 70 10.61 13.90 -15.32
N VAL C 71 9.89 12.82 -15.62
CA VAL C 71 8.65 12.89 -16.38
C VAL C 71 7.57 12.17 -15.59
N VAL C 72 6.46 12.86 -15.34
CA VAL C 72 5.32 12.30 -14.63
C VAL C 72 4.20 12.07 -15.63
N PHE C 73 3.76 10.82 -15.75
CA PHE C 73 2.74 10.44 -16.73
C PHE C 73 1.38 10.50 -16.07
N SER C 74 0.47 11.27 -16.65
CA SER C 74 -0.88 11.44 -16.13
C SER C 74 -1.84 11.48 -17.31
N LYS C 75 -3.08 11.89 -17.06
CA LYS C 75 -4.09 11.90 -18.11
C LYS C 75 -3.71 12.84 -19.25
N ASN C 76 -3.21 14.03 -18.92
CA ASN C 76 -2.88 15.02 -19.93
C ASN C 76 -1.42 14.99 -20.35
N TYR C 77 -0.60 14.11 -19.76
CA TYR C 77 0.84 14.15 -19.97
C TYR C 77 1.24 13.95 -21.43
N ALA C 78 0.34 13.40 -22.26
CA ALA C 78 0.53 13.35 -23.70
C ALA C 78 -0.61 13.99 -24.49
N SER C 79 -1.65 14.48 -23.82
CA SER C 79 -2.81 15.02 -24.51
C SER C 79 -2.51 16.28 -25.31
N SER C 80 -1.35 16.89 -25.09
CA SER C 80 -0.93 18.07 -25.84
C SER C 80 0.17 17.69 -26.81
N THR C 81 0.09 18.21 -28.04
CA THR C 81 1.13 17.95 -29.01
C THR C 81 2.48 18.45 -28.51
N TRP C 82 2.47 19.55 -27.75
CA TRP C 82 3.70 20.04 -27.13
C TRP C 82 4.29 18.99 -26.20
N CYS C 83 3.43 18.33 -25.41
CA CYS C 83 3.90 17.31 -24.49
C CYS C 83 4.56 16.16 -25.24
N LEU C 84 3.92 15.70 -26.32
CA LEU C 84 4.49 14.60 -27.11
C LEU C 84 5.82 15.01 -27.73
N GLU C 85 5.89 16.23 -28.27
CA GLU C 85 7.14 16.68 -28.88
C GLU C 85 8.26 16.76 -27.84
N GLU C 86 7.94 17.26 -26.65
CA GLU C 86 8.93 17.33 -25.59
C GLU C 86 9.39 15.94 -25.19
N LEU C 87 8.46 14.98 -25.10
CA LEU C 87 8.85 13.61 -24.79
C LEU C 87 9.75 13.04 -25.86
N VAL C 88 9.46 13.33 -27.12
CA VAL C 88 10.29 12.84 -28.22
C VAL C 88 11.70 13.40 -28.11
N LYS C 89 11.80 14.71 -27.86
CA LYS C 89 13.11 15.34 -27.73
C LYS C 89 13.87 14.76 -26.54
N ILE C 90 13.18 14.54 -25.43
CA ILE C 90 13.85 14.00 -24.25
C ILE C 90 14.36 12.58 -24.51
N LEU C 91 13.54 11.75 -25.15
CA LEU C 91 13.97 10.38 -25.43
C LEU C 91 15.15 10.36 -26.39
N GLU C 92 15.12 11.23 -27.42
CA GLU C 92 16.24 11.32 -28.33
C GLU C 92 17.49 11.79 -27.61
N ILE C 93 17.32 12.68 -26.63
CA ILE C 93 18.45 13.10 -25.81
C ILE C 93 19.02 11.92 -25.05
N HIS C 94 18.14 11.12 -24.44
CA HIS C 94 18.60 9.94 -23.70
C HIS C 94 19.34 8.98 -24.61
N GLU C 95 18.88 8.85 -25.86
CA GLU C 95 19.55 7.98 -26.82
C GLU C 95 20.93 8.51 -27.17
N LYS C 96 21.03 9.79 -27.54
CA LYS C 96 22.28 10.35 -28.04
C LYS C 96 23.12 11.01 -26.97
N PHE C 97 22.52 11.49 -25.89
CA PHE C 97 23.25 12.10 -24.79
C PHE C 97 23.08 11.26 -23.52
N GLU C 98 23.63 11.77 -22.42
CA GLU C 98 23.68 11.04 -21.15
C GLU C 98 22.61 11.48 -20.18
N LEU C 99 21.42 11.81 -20.66
CA LEU C 99 20.34 12.21 -19.77
C LEU C 99 19.73 10.99 -19.10
N ILE C 100 19.58 11.05 -17.78
CA ILE C 100 18.95 9.98 -17.01
C ILE C 100 17.45 10.23 -17.01
N VAL C 101 16.70 9.24 -17.48
CA VAL C 101 15.24 9.33 -17.57
C VAL C 101 14.64 8.41 -16.52
N VAL C 102 13.84 8.98 -15.62
CA VAL C 102 13.18 8.21 -14.58
C VAL C 102 11.67 8.35 -14.74
N PRO C 103 10.98 7.36 -15.30
CA PRO C 103 9.53 7.46 -15.42
C PRO C 103 8.86 7.54 -14.06
N VAL C 104 7.83 8.37 -13.97
CA VAL C 104 7.04 8.52 -12.76
C VAL C 104 5.58 8.29 -13.13
N PHE C 105 4.97 7.29 -12.53
CA PHE C 105 3.59 6.90 -12.85
C PHE C 105 2.68 7.39 -11.73
N TYR C 106 2.06 8.54 -11.94
CA TYR C 106 1.13 9.13 -10.98
C TYR C 106 -0.23 9.30 -11.64
N ASP C 107 -1.27 8.77 -10.99
CA ASP C 107 -2.64 8.86 -11.49
C ASP C 107 -2.74 8.32 -12.91
N VAL C 108 -2.12 7.16 -13.15
CA VAL C 108 -2.17 6.51 -14.45
C VAL C 108 -1.76 5.05 -14.26
N ASP C 109 -2.40 4.16 -15.02
CA ASP C 109 -2.06 2.75 -14.96
C ASP C 109 -0.87 2.48 -15.87
N PRO C 110 0.24 1.95 -15.34
CA PRO C 110 1.40 1.67 -16.20
C PRO C 110 1.12 0.67 -17.30
N SER C 111 0.26 -0.31 -17.05
CA SER C 111 -0.01 -1.33 -18.06
C SER C 111 -0.66 -0.72 -19.30
N THR C 112 -1.68 0.12 -19.10
CA THR C 112 -2.36 0.75 -20.23
C THR C 112 -1.41 1.66 -20.99
N VAL C 113 -0.58 2.42 -20.27
CA VAL C 113 0.35 3.33 -20.92
C VAL C 113 1.38 2.54 -21.73
N ARG C 114 1.76 1.35 -21.26
CA ARG C 114 2.69 0.53 -22.01
C ARG C 114 2.12 0.15 -23.38
N LYS C 115 0.86 -0.24 -23.42
CA LYS C 115 0.22 -0.61 -24.68
C LYS C 115 -0.27 0.59 -25.46
N GLN C 116 -0.02 1.82 -24.98
CA GLN C 116 -0.53 3.03 -25.59
C GLN C 116 -2.06 2.99 -25.70
N ASN C 117 -2.70 2.57 -24.60
CA ASN C 117 -4.15 2.44 -24.54
C ASN C 117 -4.68 3.21 -23.35
N GLY C 118 -5.98 3.53 -23.41
CA GLY C 118 -6.65 4.28 -22.37
C GLY C 118 -7.27 5.56 -22.92
N GLU C 119 -7.37 6.56 -22.06
CA GLU C 119 -7.82 7.87 -22.52
C GLU C 119 -6.84 8.44 -23.55
N TYR C 120 -5.54 8.19 -23.34
CA TYR C 120 -4.55 8.57 -24.32
C TYR C 120 -4.81 7.89 -25.66
N ALA C 121 -5.36 6.67 -25.65
CA ALA C 121 -5.75 6.03 -26.90
C ALA C 121 -6.88 6.78 -27.57
N VAL C 122 -7.84 7.27 -26.78
CA VAL C 122 -8.93 8.07 -27.35
C VAL C 122 -8.38 9.34 -27.98
N CYS C 123 -7.45 10.00 -27.30
CA CYS C 123 -6.83 11.19 -27.86
C CYS C 123 -6.07 10.86 -29.13
N PHE C 124 -5.34 9.74 -29.14
CA PHE C 124 -4.58 9.34 -30.32
C PHE C 124 -5.50 9.07 -31.50
N THR C 125 -6.63 8.41 -31.26
CA THR C 125 -7.62 8.24 -32.32
C THR C 125 -8.13 9.60 -32.79
N LYS C 126 -8.38 10.52 -31.85
CA LYS C 126 -8.68 11.90 -32.22
C LYS C 126 -7.48 12.56 -32.88
N PHE C 127 -6.28 12.18 -32.48
CA PHE C 127 -5.06 12.68 -33.11
C PHE C 127 -4.71 11.92 -34.38
N GLU C 128 -5.50 10.92 -34.75
CA GLU C 128 -5.28 10.14 -35.96
C GLU C 128 -5.90 10.77 -37.20
N ALA C 129 -6.18 12.07 -37.16
CA ALA C 129 -6.79 12.77 -38.29
C ALA C 129 -5.72 13.13 -39.31
N ASN C 130 -6.08 13.97 -40.27
CA ASN C 130 -5.15 14.33 -41.34
C ASN C 130 -3.95 15.10 -40.83
N LEU C 131 -4.04 15.73 -39.66
CA LEU C 131 -2.91 16.48 -39.13
C LEU C 131 -1.72 15.55 -38.87
N VAL C 132 -1.98 14.37 -38.30
CA VAL C 132 -0.91 13.41 -38.10
C VAL C 132 -0.74 12.52 -39.33
N ASP C 133 -1.79 12.35 -40.13
CA ASP C 133 -1.64 11.61 -41.38
C ASP C 133 -0.64 12.30 -42.30
N ASP C 134 -0.53 13.62 -42.21
CA ASP C 134 0.50 14.37 -42.90
C ASP C 134 1.79 14.47 -42.11
N ARG C 135 1.85 13.83 -40.94
CA ARG C 135 3.04 13.83 -40.09
C ARG C 135 3.48 12.43 -39.68
N ASP C 136 2.53 11.52 -39.41
CA ASP C 136 2.79 10.21 -38.82
C ASP C 136 3.46 10.31 -37.46
N LYS C 137 3.47 11.50 -36.86
CA LYS C 137 4.13 11.70 -35.58
C LYS C 137 3.43 10.98 -34.44
N VAL C 138 2.17 10.59 -34.63
CA VAL C 138 1.47 9.81 -33.62
C VAL C 138 2.13 8.46 -33.43
N LEU C 139 2.47 7.79 -34.54
CA LEU C 139 3.15 6.50 -34.46
C LEU C 139 4.52 6.66 -33.80
N ARG C 140 5.25 7.69 -34.17
CA ARG C 140 6.55 7.93 -33.56
C ARG C 140 6.41 8.16 -32.06
N TRP C 141 5.41 8.94 -31.66
CA TRP C 141 5.19 9.22 -30.24
C TRP C 141 4.81 7.94 -29.50
N ARG C 142 3.97 7.10 -30.09
CA ARG C 142 3.57 5.87 -29.43
C ARG C 142 4.76 4.92 -29.27
N GLU C 143 5.58 4.79 -30.31
CA GLU C 143 6.78 3.97 -30.19
C GLU C 143 7.73 4.52 -29.13
N ALA C 144 7.87 5.84 -29.08
CA ALA C 144 8.74 6.46 -28.08
C ALA C 144 8.23 6.20 -26.67
N LEU C 145 6.91 6.32 -26.47
CA LEU C 145 6.34 6.05 -25.16
C LEU C 145 6.55 4.59 -24.78
N THR C 146 6.36 3.67 -25.73
CA THR C 146 6.58 2.26 -25.43
C THR C 146 8.04 2.00 -25.06
N LYS C 147 8.97 2.61 -25.79
CA LYS C 147 10.38 2.42 -25.46
C LYS C 147 10.71 3.01 -24.10
N VAL C 148 10.14 4.18 -23.78
CA VAL C 148 10.40 4.81 -22.50
C VAL C 148 9.86 3.95 -21.36
N ALA C 149 8.70 3.33 -21.57
CA ALA C 149 8.13 2.45 -20.56
C ALA C 149 8.99 1.21 -20.33
N ASN C 150 9.95 0.94 -21.21
CA ASN C 150 10.87 -0.17 -20.99
C ASN C 150 11.86 0.12 -19.88
N ILE C 151 11.99 1.37 -19.44
CA ILE C 151 12.88 1.76 -18.36
C ILE C 151 12.05 1.90 -17.09
N SER C 152 12.46 1.20 -16.03
CA SER C 152 11.72 1.22 -14.79
C SER C 152 11.91 2.55 -14.06
N GLY C 153 10.89 2.92 -13.28
CA GLY C 153 10.93 4.17 -12.55
C GLY C 153 10.28 4.05 -11.19
N HIS C 154 9.39 4.98 -10.87
CA HIS C 154 8.64 4.95 -9.61
C HIS C 154 7.16 5.04 -9.91
N ASP C 155 6.38 4.15 -9.29
CA ASP C 155 4.93 4.07 -9.46
C ASP C 155 4.29 4.22 -8.08
N LEU C 156 3.87 5.45 -7.76
CA LEU C 156 3.31 5.72 -6.43
C LEU C 156 2.03 4.92 -6.20
N ARG C 157 1.16 4.85 -7.20
CA ARG C 157 -0.11 4.14 -7.04
C ARG C 157 0.07 2.64 -6.87
N ASN C 158 1.26 2.11 -7.13
CA ASN C 158 1.51 0.68 -7.03
C ASN C 158 2.58 0.34 -6.00
N THR C 159 3.75 0.99 -6.07
CA THR C 159 4.83 0.64 -5.16
C THR C 159 4.44 0.88 -3.71
N TYR C 160 3.84 2.03 -3.44
CA TYR C 160 3.29 2.35 -2.12
C TYR C 160 1.78 2.34 -2.10
N ASN C 161 1.14 2.80 -3.18
CA ASN C 161 -0.30 2.79 -3.40
C ASN C 161 -1.05 3.73 -2.47
N GLY C 162 -0.41 4.30 -1.45
CA GLY C 162 -1.11 5.18 -0.55
C GLY C 162 -0.29 6.34 -0.03
N ASP C 163 0.80 6.68 -0.73
CA ASP C 163 1.72 7.67 -0.22
C ASP C 163 2.02 8.70 -1.30
N GLU C 164 2.39 9.89 -0.84
CA GLU C 164 2.88 10.94 -1.72
C GLU C 164 4.22 11.49 -1.28
N SER C 165 4.45 11.60 0.04
CA SER C 165 5.73 12.07 0.54
C SER C 165 6.81 11.01 0.43
N LYS C 166 6.44 9.73 0.50
CA LYS C 166 7.43 8.66 0.40
C LYS C 166 8.09 8.64 -0.97
N CYS C 167 7.29 8.84 -2.04
CA CYS C 167 7.86 8.90 -3.37
C CYS C 167 8.80 10.08 -3.52
N ILE C 168 8.43 11.23 -2.93
CA ILE C 168 9.31 12.39 -2.95
C ILE C 168 10.62 12.08 -2.22
N GLN C 169 10.52 11.37 -1.10
CA GLN C 169 11.72 10.98 -0.37
C GLN C 169 12.61 10.06 -1.22
N GLN C 170 12.00 9.12 -1.93
CA GLN C 170 12.77 8.24 -2.79
C GLN C 170 13.45 9.01 -3.90
N ILE C 171 12.73 9.97 -4.51
CA ILE C 171 13.31 10.79 -5.57
C ILE C 171 14.48 11.59 -5.04
N LEU C 172 14.33 12.19 -3.85
CA LEU C 172 15.41 12.95 -3.26
C LEU C 172 16.61 12.06 -2.95
N LYS C 173 16.35 10.83 -2.48
CA LYS C 173 17.44 9.89 -2.22
C LYS C 173 18.19 9.57 -3.50
N ASP C 174 17.46 9.41 -4.62
CA ASP C 174 18.12 9.15 -5.89
C ASP C 174 18.94 10.35 -6.36
N ILE C 175 18.41 11.56 -6.18
CA ILE C 175 19.03 12.75 -6.74
C ILE C 175 20.34 13.08 -6.02
N PHE C 176 20.25 13.36 -4.73
CA PHE C 176 21.44 13.76 -3.96
C PHE C 176 22.25 12.54 -3.54
N SER D 11 27.56 -15.00 -12.73
CA SER D 11 28.12 -15.74 -11.62
C SER D 11 27.56 -15.26 -10.30
N TYR D 12 26.27 -15.50 -10.08
CA TYR D 12 25.58 -15.14 -8.85
C TYR D 12 25.08 -16.42 -8.17
N ASP D 13 24.30 -16.25 -7.11
CA ASP D 13 23.92 -17.38 -6.27
C ASP D 13 22.62 -18.04 -6.72
N VAL D 14 21.52 -17.29 -6.71
CA VAL D 14 20.20 -17.85 -7.01
C VAL D 14 19.36 -16.82 -7.76
N PHE D 15 18.14 -17.20 -8.11
CA PHE D 15 17.20 -16.29 -8.74
C PHE D 15 15.79 -16.69 -8.33
N LEU D 16 14.84 -15.80 -8.59
CA LEU D 16 13.44 -16.02 -8.25
C LEU D 16 12.55 -15.60 -9.42
N SER D 17 11.42 -16.27 -9.55
CA SER D 17 10.45 -15.96 -10.60
C SER D 17 9.05 -16.24 -10.08
N PHE D 18 8.16 -15.28 -10.27
CA PHE D 18 6.79 -15.41 -9.78
C PHE D 18 5.87 -14.53 -10.64
N ARG D 19 4.58 -14.75 -10.48
CA ARG D 19 3.55 -13.95 -11.13
C ARG D 19 3.01 -12.94 -10.14
N GLY D 20 3.04 -11.66 -10.50
CA GLY D 20 2.71 -10.61 -9.56
C GLY D 20 1.26 -10.63 -9.09
N GLU D 21 0.37 -11.27 -9.84
CA GLU D 21 -1.04 -11.22 -9.51
C GLU D 21 -1.34 -11.96 -8.20
N ASP D 22 -0.67 -13.10 -7.97
CA ASP D 22 -1.04 -13.97 -6.87
C ASP D 22 0.11 -14.32 -5.94
N THR D 23 1.36 -14.02 -6.29
CA THR D 23 2.49 -14.37 -5.45
C THR D 23 3.25 -13.18 -4.89
N ARG D 24 3.11 -11.98 -5.47
CA ARG D 24 3.90 -10.83 -5.03
C ARG D 24 3.50 -10.35 -3.65
N LYS D 25 2.40 -10.84 -3.09
CA LYS D 25 1.91 -10.36 -1.80
C LYS D 25 2.23 -11.28 -0.65
N THR D 26 2.00 -12.59 -0.80
CA THR D 26 2.14 -13.53 0.31
C THR D 26 3.26 -14.53 0.12
N PHE D 27 3.27 -15.28 -0.98
CA PHE D 27 4.18 -16.40 -1.09
C PHE D 27 5.60 -15.96 -1.47
N VAL D 28 5.72 -15.23 -2.58
CA VAL D 28 7.04 -14.88 -3.10
C VAL D 28 7.82 -14.06 -2.09
N GLY D 29 7.13 -13.18 -1.36
CA GLY D 29 7.81 -12.39 -0.34
C GLY D 29 8.35 -13.26 0.78
N HIS D 30 7.56 -14.22 1.25
CA HIS D 30 8.04 -15.12 2.31
C HIS D 30 9.23 -15.94 1.83
N LEU D 31 9.18 -16.44 0.59
CA LEU D 31 10.30 -17.19 0.05
C LEU D 31 11.55 -16.32 -0.05
N PHE D 32 11.40 -15.07 -0.48
CA PHE D 32 12.53 -14.17 -0.58
C PHE D 32 13.13 -13.89 0.79
N ASN D 33 12.28 -13.66 1.79
CA ASN D 33 12.78 -13.43 3.15
C ASN D 33 13.53 -14.66 3.66
N ALA D 34 12.99 -15.85 3.40
CA ALA D 34 13.67 -17.07 3.84
C ALA D 34 15.02 -17.22 3.17
N LEU D 35 15.08 -16.97 1.86
CA LEU D 35 16.34 -17.10 1.13
C LEU D 35 17.37 -16.09 1.62
N ILE D 36 16.94 -14.85 1.83
CA ILE D 36 17.87 -13.81 2.29
C ILE D 36 18.39 -14.15 3.69
N GLU D 37 17.50 -14.57 4.58
CA GLU D 37 17.93 -14.92 5.93
C GLU D 37 18.89 -16.10 5.91
N LYS D 38 18.62 -17.10 5.06
CA LYS D 38 19.47 -18.28 5.02
C LYS D 38 20.90 -17.97 4.60
N GLY D 39 21.13 -16.83 3.96
CA GLY D 39 22.46 -16.43 3.56
C GLY D 39 22.77 -16.55 2.08
N ILE D 40 21.81 -16.96 1.26
CA ILE D 40 22.01 -17.06 -0.18
C ILE D 40 21.41 -15.83 -0.84
N HIS D 41 22.21 -15.15 -1.64
CA HIS D 41 21.75 -13.93 -2.31
C HIS D 41 20.69 -14.27 -3.35
N THR D 42 19.67 -13.42 -3.43
CA THR D 42 18.58 -13.58 -4.38
C THR D 42 18.31 -12.25 -5.08
N PHE D 43 17.99 -12.34 -6.37
CA PHE D 43 17.73 -11.17 -7.19
C PHE D 43 16.29 -11.26 -7.71
N MET D 44 15.35 -10.79 -6.91
CA MET D 44 13.95 -10.75 -7.32
C MET D 44 13.72 -9.57 -8.25
N ASP D 45 12.66 -9.67 -9.05
CA ASP D 45 12.31 -8.57 -9.94
C ASP D 45 11.49 -7.53 -9.19
N ASP D 46 11.92 -7.21 -7.96
CA ASP D 46 11.34 -6.11 -7.20
C ASP D 46 12.36 -5.21 -6.55
N LYS D 47 13.59 -5.67 -6.30
CA LYS D 47 14.60 -4.88 -5.63
C LYS D 47 15.85 -4.77 -6.49
N GLU D 48 16.10 -5.79 -7.30
CA GLU D 48 17.27 -5.81 -8.18
C GLU D 48 16.93 -5.09 -9.49
N LEU D 49 16.79 -3.76 -9.37
CA LEU D 49 16.48 -2.92 -10.52
C LEU D 49 16.86 -1.49 -10.20
N LYS D 50 17.85 -0.95 -10.91
CA LYS D 50 18.20 0.45 -10.80
C LYS D 50 17.33 1.27 -11.75
N ARG D 51 17.06 2.52 -11.37
CA ARG D 51 16.11 3.34 -12.11
C ARG D 51 16.58 3.62 -13.53
N GLY D 52 17.86 3.98 -13.69
CA GLY D 52 18.34 4.40 -15.00
C GLY D 52 18.34 3.29 -16.02
N LYS D 53 18.84 2.12 -15.65
CA LYS D 53 19.02 1.05 -16.61
C LYS D 53 17.68 0.48 -17.07
N SER D 54 17.73 -0.26 -18.18
CA SER D 54 16.53 -0.81 -18.78
C SER D 54 15.98 -1.95 -17.93
N ILE D 55 14.89 -2.57 -18.41
CA ILE D 55 14.21 -3.65 -17.71
C ILE D 55 14.49 -4.99 -18.37
N SER D 56 14.22 -5.11 -19.67
CA SER D 56 14.48 -6.36 -20.37
C SER D 56 15.98 -6.67 -20.37
N SER D 57 16.83 -5.67 -20.62
CA SER D 57 18.26 -5.89 -20.63
C SER D 57 18.77 -6.29 -19.25
N GLU D 58 18.32 -5.59 -18.21
CA GLU D 58 18.74 -5.92 -16.85
C GLU D 58 18.27 -7.32 -16.48
N LEU D 59 17.04 -7.66 -16.84
CA LEU D 59 16.52 -8.99 -16.54
C LEU D 59 17.32 -10.07 -17.24
N MET D 60 17.64 -9.86 -18.52
CA MET D 60 18.42 -10.85 -19.25
C MET D 60 19.80 -11.02 -18.63
N LYS D 61 20.46 -9.92 -18.26
CA LYS D 61 21.77 -10.01 -17.64
C LYS D 61 21.70 -10.75 -16.31
N ALA D 62 20.70 -10.41 -15.48
CA ALA D 62 20.57 -11.05 -14.19
C ALA D 62 20.32 -12.54 -14.34
N ILE D 63 19.49 -12.93 -15.31
CA ILE D 63 19.23 -14.34 -15.54
C ILE D 63 20.49 -15.04 -16.01
N GLY D 64 21.26 -14.39 -16.88
CA GLY D 64 22.48 -15.01 -17.36
C GLY D 64 23.51 -15.21 -16.27
N GLU D 65 23.60 -14.29 -15.32
CA GLU D 65 24.61 -14.36 -14.27
C GLU D 65 24.16 -15.12 -13.03
N SER D 66 22.92 -15.60 -12.99
CA SER D 66 22.42 -16.31 -11.82
C SER D 66 22.55 -17.82 -12.03
N ARG D 67 22.51 -18.56 -10.92
CA ARG D 67 22.71 -20.00 -10.95
C ARG D 67 21.41 -20.78 -10.83
N PHE D 68 20.67 -20.61 -9.75
CA PHE D 68 19.47 -21.39 -9.48
C PHE D 68 18.23 -20.53 -9.65
N ALA D 69 17.29 -21.00 -10.45
CA ALA D 69 16.04 -20.30 -10.71
C ALA D 69 14.87 -21.14 -10.23
N VAL D 70 13.93 -20.51 -9.54
CA VAL D 70 12.74 -21.17 -9.03
C VAL D 70 11.53 -20.35 -9.46
N VAL D 71 10.73 -20.90 -10.36
CA VAL D 71 9.55 -20.23 -10.88
C VAL D 71 8.32 -20.96 -10.37
N VAL D 72 7.45 -20.22 -9.67
CA VAL D 72 6.21 -20.78 -9.14
C VAL D 72 5.13 -20.58 -10.19
N PHE D 73 4.73 -21.66 -10.85
CA PHE D 73 3.69 -21.58 -11.88
C PHE D 73 2.32 -21.52 -11.21
N SER D 74 1.59 -20.43 -11.47
CA SER D 74 0.27 -20.22 -10.89
C SER D 74 -0.81 -20.53 -11.92
N LYS D 75 -2.07 -20.34 -11.53
CA LYS D 75 -3.19 -20.63 -12.40
C LYS D 75 -3.18 -19.73 -13.63
N ASN D 76 -2.91 -18.43 -13.46
CA ASN D 76 -2.87 -17.49 -14.56
C ASN D 76 -1.44 -17.26 -15.05
N TYR D 77 -0.57 -18.26 -14.92
CA TYR D 77 0.82 -18.08 -15.28
C TYR D 77 0.98 -17.72 -16.75
N ALA D 78 0.19 -18.35 -17.62
CA ALA D 78 0.27 -18.06 -19.05
C ALA D 78 -0.15 -16.64 -19.38
N SER D 79 -0.90 -15.98 -18.49
CA SER D 79 -1.40 -14.64 -18.79
C SER D 79 -0.25 -13.66 -18.98
N SER D 80 0.74 -13.70 -18.11
CA SER D 80 1.82 -12.71 -18.13
C SER D 80 2.76 -13.03 -19.29
N THR D 81 2.65 -12.25 -20.37
CA THR D 81 3.50 -12.48 -21.54
C THR D 81 4.97 -12.28 -21.18
N TRP D 82 5.27 -11.26 -20.38
CA TRP D 82 6.64 -11.05 -19.96
C TRP D 82 7.16 -12.25 -19.18
N CYS D 83 6.32 -12.81 -18.31
CA CYS D 83 6.73 -13.99 -17.54
C CYS D 83 6.98 -15.18 -18.47
N LEU D 84 6.14 -15.34 -19.49
CA LEU D 84 6.36 -16.43 -20.44
C LEU D 84 7.68 -16.23 -21.19
N GLU D 85 7.98 -14.99 -21.57
CA GLU D 85 9.25 -14.72 -22.25
C GLU D 85 10.42 -15.02 -21.33
N GLU D 86 10.29 -14.67 -20.04
CA GLU D 86 11.34 -14.97 -19.08
C GLU D 86 11.54 -16.47 -18.93
N LEU D 87 10.43 -17.23 -18.92
CA LEU D 87 10.54 -18.68 -18.86
C LEU D 87 11.24 -19.22 -20.10
N VAL D 88 10.92 -18.66 -21.27
CA VAL D 88 11.56 -19.11 -22.50
C VAL D 88 13.07 -18.84 -22.45
N LYS D 89 13.45 -17.65 -21.99
CA LYS D 89 14.86 -17.31 -21.90
C LYS D 89 15.58 -18.19 -20.88
N ILE D 90 14.94 -18.47 -19.74
CA ILE D 90 15.54 -19.36 -18.75
C ILE D 90 15.73 -20.75 -19.32
N LEU D 91 14.73 -21.25 -20.05
CA LEU D 91 14.84 -22.56 -20.68
C LEU D 91 15.97 -22.59 -21.70
N GLU D 92 16.10 -21.52 -22.50
CA GLU D 92 17.18 -21.47 -23.48
C GLU D 92 18.54 -21.45 -22.80
N ILE D 93 18.67 -20.71 -21.70
CA ILE D 93 19.93 -20.68 -20.96
C ILE D 93 20.24 -22.06 -20.40
N HIS D 94 19.23 -22.74 -19.86
CA HIS D 94 19.46 -24.11 -19.37
C HIS D 94 19.80 -25.06 -20.52
N GLU D 95 19.34 -24.77 -21.72
CA GLU D 95 19.70 -25.59 -22.87
C GLU D 95 21.14 -25.37 -23.29
N LYS D 96 21.59 -24.11 -23.32
CA LYS D 96 22.95 -23.80 -23.73
C LYS D 96 23.93 -24.01 -22.58
N PHE D 97 23.73 -23.30 -21.49
CA PHE D 97 24.55 -23.47 -20.29
C PHE D 97 23.90 -24.51 -19.38
N GLU D 98 24.40 -24.62 -18.15
CA GLU D 98 23.89 -25.62 -17.23
C GLU D 98 23.33 -24.97 -15.96
N LEU D 99 22.53 -23.92 -16.12
CA LEU D 99 21.93 -23.25 -14.99
C LEU D 99 21.07 -24.22 -14.19
N ILE D 100 21.11 -24.09 -12.86
CA ILE D 100 20.33 -24.96 -11.99
C ILE D 100 18.86 -24.71 -12.25
N VAL D 101 18.10 -25.78 -12.46
CA VAL D 101 16.68 -25.71 -12.76
C VAL D 101 15.93 -26.31 -11.58
N VAL D 102 14.89 -25.60 -11.13
CA VAL D 102 14.07 -26.07 -10.01
C VAL D 102 12.63 -25.62 -10.24
N PRO D 103 11.66 -26.53 -10.21
CA PRO D 103 10.27 -26.13 -10.39
C PRO D 103 9.54 -25.91 -9.06
N VAL D 104 8.58 -24.98 -9.11
CA VAL D 104 7.69 -24.71 -7.99
C VAL D 104 6.27 -24.66 -8.53
N PHE D 105 5.35 -25.38 -7.90
CA PHE D 105 3.99 -25.49 -8.43
C PHE D 105 3.02 -25.58 -7.26
N TYR D 106 2.23 -24.53 -7.06
CA TYR D 106 1.22 -24.49 -6.00
C TYR D 106 -0.14 -24.21 -6.64
N ASP D 107 -1.15 -24.98 -6.22
CA ASP D 107 -2.52 -24.85 -6.70
C ASP D 107 -2.62 -25.06 -8.21
N VAL D 108 -1.57 -25.61 -8.83
CA VAL D 108 -1.59 -25.97 -10.24
C VAL D 108 -0.89 -27.30 -10.39
N ASP D 109 -1.66 -28.38 -10.54
CA ASP D 109 -1.07 -29.71 -10.58
C ASP D 109 -0.15 -29.83 -11.79
N PRO D 110 0.96 -30.56 -11.66
CA PRO D 110 1.89 -30.66 -12.80
C PRO D 110 1.26 -31.24 -14.05
N SER D 111 0.32 -32.16 -13.90
CA SER D 111 -0.34 -32.75 -15.07
C SER D 111 -1.11 -31.70 -15.85
N THR D 112 -1.78 -30.78 -15.14
CA THR D 112 -2.56 -29.75 -15.83
C THR D 112 -1.66 -28.87 -16.68
N VAL D 113 -0.51 -28.45 -16.14
CA VAL D 113 0.39 -27.58 -16.89
C VAL D 113 1.08 -28.34 -17.99
N ARG D 114 1.39 -29.63 -17.77
CA ARG D 114 2.16 -30.38 -18.76
C ARG D 114 1.42 -30.48 -20.08
N LYS D 115 0.11 -30.72 -20.03
CA LYS D 115 -0.70 -30.73 -21.24
C LYS D 115 -1.12 -29.33 -21.68
N GLN D 116 -0.65 -28.29 -20.99
CA GLN D 116 -1.03 -26.91 -21.27
C GLN D 116 -2.55 -26.76 -21.23
N ASN D 117 -3.17 -27.49 -20.31
CA ASN D 117 -4.63 -27.58 -20.26
C ASN D 117 -5.20 -26.71 -19.15
N GLY D 118 -6.52 -26.75 -19.03
CA GLY D 118 -7.20 -26.01 -17.98
C GLY D 118 -7.05 -24.52 -18.19
N GLU D 119 -6.61 -23.83 -17.14
CA GLU D 119 -6.41 -22.38 -17.24
C GLU D 119 -5.36 -22.05 -18.29
N TYR D 120 -4.30 -22.86 -18.36
CA TYR D 120 -3.31 -22.69 -19.42
C TYR D 120 -3.97 -22.85 -20.78
N ALA D 121 -4.88 -23.82 -20.92
CA ALA D 121 -5.57 -24.01 -22.19
C ALA D 121 -6.40 -22.78 -22.55
N VAL D 122 -7.12 -22.21 -21.58
CA VAL D 122 -7.94 -21.04 -21.86
C VAL D 122 -7.08 -19.86 -22.26
N CYS D 123 -5.99 -19.64 -21.53
CA CYS D 123 -5.10 -18.51 -21.85
C CYS D 123 -4.48 -18.68 -23.23
N PHE D 124 -4.08 -19.91 -23.58
CA PHE D 124 -3.52 -20.15 -24.91
C PHE D 124 -4.59 -19.97 -25.99
N THR D 125 -5.81 -20.40 -25.71
CA THR D 125 -6.90 -20.22 -26.67
C THR D 125 -7.17 -18.74 -26.92
N LYS D 126 -7.06 -17.92 -25.88
CA LYS D 126 -7.13 -16.48 -26.07
C LYS D 126 -6.02 -15.98 -26.98
N PHE D 127 -4.84 -16.58 -26.89
CA PHE D 127 -3.71 -16.25 -27.74
C PHE D 127 -3.54 -17.23 -28.89
N GLU D 128 -4.57 -18.03 -29.18
CA GLU D 128 -4.47 -19.03 -30.24
C GLU D 128 -4.24 -18.38 -31.60
N ALA D 129 -4.92 -17.26 -31.86
CA ALA D 129 -4.75 -16.52 -33.11
C ALA D 129 -3.86 -15.30 -32.95
N ASN D 130 -3.19 -15.14 -31.80
CA ASN D 130 -2.39 -13.95 -31.55
C ASN D 130 -0.93 -14.14 -31.94
N LEU D 131 -0.25 -15.12 -31.34
CA LEU D 131 1.19 -15.25 -31.52
C LEU D 131 1.66 -16.69 -31.73
N VAL D 132 0.76 -17.66 -31.86
CA VAL D 132 1.19 -19.04 -32.13
C VAL D 132 1.78 -19.14 -33.53
N ASP D 133 1.09 -18.60 -34.52
CA ASP D 133 1.55 -18.62 -35.89
C ASP D 133 2.16 -17.29 -36.34
N ASP D 134 1.69 -16.18 -35.78
CA ASP D 134 2.18 -14.87 -36.19
C ASP D 134 3.60 -14.60 -35.71
N ARG D 135 4.06 -15.30 -34.68
CA ARG D 135 5.40 -15.10 -34.14
C ARG D 135 6.18 -16.38 -33.90
N ASP D 136 5.53 -17.54 -33.88
CA ASP D 136 6.16 -18.84 -33.64
C ASP D 136 6.89 -18.91 -32.30
N LYS D 137 6.75 -17.87 -31.47
CA LYS D 137 7.32 -17.90 -30.13
C LYS D 137 6.35 -18.49 -29.12
N VAL D 138 5.05 -18.43 -29.40
CA VAL D 138 4.09 -19.10 -28.53
C VAL D 138 4.28 -20.61 -28.60
N LEU D 139 4.62 -21.14 -29.78
CA LEU D 139 4.92 -22.57 -29.89
C LEU D 139 6.16 -22.93 -29.07
N ARG D 140 7.20 -22.10 -29.16
CA ARG D 140 8.40 -22.34 -28.38
C ARG D 140 8.11 -22.27 -26.88
N TRP D 141 7.30 -21.30 -26.46
CA TRP D 141 6.94 -21.19 -25.06
C TRP D 141 6.12 -22.40 -24.59
N ARG D 142 5.19 -22.87 -25.43
CA ARG D 142 4.42 -24.05 -25.07
C ARG D 142 5.32 -25.27 -24.93
N GLU D 143 6.24 -25.46 -25.87
CA GLU D 143 7.17 -26.58 -25.79
C GLU D 143 8.05 -26.48 -24.55
N ALA D 144 8.54 -25.28 -24.25
CA ALA D 144 9.40 -25.10 -23.08
C ALA D 144 8.62 -25.37 -21.80
N LEU D 145 7.38 -24.91 -21.72
CA LEU D 145 6.56 -25.17 -20.55
C LEU D 145 6.30 -26.67 -20.41
N THR D 146 6.06 -27.35 -21.53
CA THR D 146 5.85 -28.80 -21.48
C THR D 146 7.10 -29.52 -20.97
N LYS D 147 8.27 -29.11 -21.46
CA LYS D 147 9.51 -29.73 -21.02
C LYS D 147 9.76 -29.46 -19.53
N VAL D 148 9.53 -28.23 -19.10
CA VAL D 148 9.75 -27.89 -17.69
C VAL D 148 8.79 -28.66 -16.80
N ALA D 149 7.55 -28.84 -17.26
CA ALA D 149 6.62 -29.66 -16.53
C ALA D 149 7.11 -31.10 -16.45
N ASN D 150 7.64 -31.62 -17.56
CA ASN D 150 8.26 -32.93 -17.53
C ASN D 150 9.46 -32.95 -16.59
N ILE D 151 10.10 -31.80 -16.38
CA ILE D 151 11.22 -31.70 -15.46
C ILE D 151 10.70 -31.73 -14.03
N SER D 152 11.28 -32.61 -13.22
CA SER D 152 10.83 -32.77 -11.84
C SER D 152 11.27 -31.57 -11.00
N GLY D 153 10.43 -31.21 -10.04
CA GLY D 153 10.70 -30.09 -9.16
C GLY D 153 10.02 -30.30 -7.82
N HIS D 154 9.68 -29.19 -7.17
CA HIS D 154 9.04 -29.20 -5.87
C HIS D 154 7.57 -28.83 -6.03
N ASP D 155 6.68 -29.66 -5.50
CA ASP D 155 5.25 -29.46 -5.58
C ASP D 155 4.64 -29.48 -4.19
N LEU D 156 3.43 -28.91 -4.08
CA LEU D 156 2.76 -28.79 -2.78
C LEU D 156 1.29 -29.16 -2.80
N ARG D 157 0.70 -29.45 -3.96
CA ARG D 157 -0.72 -29.78 -4.01
C ARG D 157 -1.02 -31.05 -3.22
N ASN D 158 -0.16 -32.06 -3.35
CA ASN D 158 -0.33 -33.34 -2.67
C ASN D 158 0.88 -33.76 -1.85
N THR D 159 2.06 -33.24 -2.13
CA THR D 159 3.23 -33.61 -1.35
C THR D 159 3.12 -33.10 0.08
N TYR D 160 2.79 -31.83 0.26
CA TYR D 160 2.66 -31.23 1.58
C TYR D 160 1.21 -30.91 1.92
N ASN D 161 0.55 -30.07 1.11
CA ASN D 161 -0.89 -29.88 1.15
C ASN D 161 -1.41 -29.38 2.49
N GLY D 162 -0.53 -29.08 3.43
CA GLY D 162 -0.99 -28.69 4.75
C GLY D 162 -0.36 -27.44 5.32
N ASP D 163 0.75 -26.98 4.73
CA ASP D 163 1.44 -25.81 5.25
C ASP D 163 2.36 -25.26 4.18
N GLU D 164 2.07 -24.05 3.71
CA GLU D 164 2.93 -23.43 2.72
C GLU D 164 4.31 -23.16 3.27
N SER D 165 4.39 -22.65 4.51
CA SER D 165 5.68 -22.39 5.13
C SER D 165 6.51 -23.66 5.27
N LYS D 166 5.85 -24.79 5.50
CA LYS D 166 6.56 -26.06 5.49
C LYS D 166 7.21 -26.29 4.15
N CYS D 167 6.49 -26.00 3.05
CA CYS D 167 7.06 -26.17 1.72
C CYS D 167 8.22 -25.22 1.48
N ILE D 168 8.11 -23.99 1.96
CA ILE D 168 9.19 -23.02 1.79
C ILE D 168 10.44 -23.48 2.52
N GLN D 169 10.26 -23.96 3.75
CA GLN D 169 11.40 -24.46 4.51
C GLN D 169 11.98 -25.71 3.85
N GLN D 170 11.12 -26.57 3.29
CA GLN D 170 11.60 -27.76 2.60
C GLN D 170 12.46 -27.38 1.40
N ILE D 171 12.01 -26.40 0.62
CA ILE D 171 12.78 -25.97 -0.54
C ILE D 171 14.11 -25.35 -0.09
N LEU D 172 14.07 -24.51 0.94
CA LEU D 172 15.29 -23.86 1.41
C LEU D 172 16.30 -24.88 1.91
N LYS D 173 15.83 -25.90 2.63
CA LYS D 173 16.73 -26.95 3.09
C LYS D 173 17.23 -27.81 1.94
N ASP D 174 16.38 -28.02 0.92
CA ASP D 174 16.72 -28.89 -0.20
C ASP D 174 17.62 -28.23 -1.23
N ILE D 175 17.78 -26.92 -1.19
CA ILE D 175 18.70 -26.26 -2.12
C ILE D 175 20.11 -26.83 -1.95
N PHE D 176 20.54 -26.97 -0.71
CA PHE D 176 21.84 -27.55 -0.39
C PHE D 176 21.91 -27.93 1.07
#